data_3WTK
#
_entry.id   3WTK
#
_cell.length_a   74.534
_cell.length_b   74.534
_cell.length_c   350.816
_cell.angle_alpha   90.00
_cell.angle_beta   90.00
_cell.angle_gamma   120.00
#
_symmetry.space_group_name_H-M   'P 65'
#
loop_
_entity.id
_entity.type
_entity.pdbx_description
1 polymer 'Acetylcholine-binding protein'
2 non-polymer {(2Z)-3-[(6-chloropyridin-3-yl)methyl]-1,3-thiazolidin-2-ylidene}cyanamide
3 water water
#
_entity_poly.entity_id   1
_entity_poly.type   'polypeptide(L)'
_entity_poly.pdbx_seq_one_letter_code
;EAEAADRADILYNIRQTSRPDVIPTQRDRPVAVSVSLKFINILEVNEITNEVDVVFWQRTTWSDRTLAWDSSHSPDQVSV
PISSLWVPDLAAYNAISKPEVLTPQLARVVSDGEVLYMPSIRQRFSCDVSGVDTESGATCRIKIGSWTHHSREISVDPTT
ENSDDSEYFSQYSRFEILDVTQKKNSVTYSCCPEAYEDVEVSLNFRKKGRSEIL
;
_entity_poly.pdbx_strand_id   A,B,C,D,E
#
loop_
_chem_comp.id
_chem_comp.type
_chem_comp.name
_chem_comp.formula
TH4 non-polymer {(2Z)-3-[(6-chloropyridin-3-yl)methyl]-1,3-thiazolidin-2-ylidene}cyanamide 'C10 H9 Cl N4 S'
#
# COMPACT_ATOMS: atom_id res chain seq x y z
N ALA A 4 -10.51 -11.12 40.27
CA ALA A 4 -11.46 -10.20 39.56
C ALA A 4 -10.70 -9.13 38.76
N ALA A 5 -10.33 -9.50 37.54
CA ALA A 5 -9.61 -8.60 36.64
C ALA A 5 -10.58 -8.07 35.59
N ASP A 6 -10.09 -7.26 34.66
CA ASP A 6 -10.93 -6.71 33.61
C ASP A 6 -10.25 -6.80 32.24
N ARG A 7 -10.93 -6.28 31.22
CA ARG A 7 -10.41 -6.29 29.85
C ARG A 7 -8.97 -5.78 29.80
N ALA A 8 -8.76 -4.60 30.37
CA ALA A 8 -7.44 -3.97 30.41
C ALA A 8 -6.35 -4.89 30.95
N ASP A 9 -6.66 -5.61 32.03
CA ASP A 9 -5.71 -6.51 32.67
C ASP A 9 -5.38 -7.72 31.80
N ILE A 10 -6.44 -8.29 31.21
CA ILE A 10 -6.31 -9.45 30.35
C ILE A 10 -5.37 -9.15 29.20
N LEU A 11 -5.57 -7.98 28.60
CA LEU A 11 -4.73 -7.54 27.49
C LEU A 11 -3.32 -7.21 27.96
N TYR A 12 -3.24 -6.36 28.98
CA TYR A 12 -1.95 -5.98 29.52
C TYR A 12 -1.10 -7.23 29.75
N ASN A 13 -1.71 -8.27 30.30
CA ASN A 13 -1.01 -9.51 30.59
C ASN A 13 -0.63 -10.29 29.34
N ILE A 14 -1.46 -10.20 28.30
CA ILE A 14 -1.18 -10.93 27.06
C ILE A 14 0.15 -10.52 26.44
N ARG A 15 0.36 -9.23 26.32
CA ARG A 15 1.60 -8.74 25.74
C ARG A 15 2.78 -9.07 26.65
N GLN A 16 2.52 -9.29 27.93
CA GLN A 16 3.56 -9.62 28.88
C GLN A 16 3.99 -11.07 28.80
N THR A 17 3.28 -11.87 28.00
CA THR A 17 3.58 -13.28 27.86
C THR A 17 3.61 -13.74 26.41
N SER A 18 2.82 -13.09 25.56
CA SER A 18 2.73 -13.44 24.14
C SER A 18 4.00 -13.20 23.34
N ARG A 19 4.35 -14.17 22.49
CA ARG A 19 5.53 -14.09 21.64
C ARG A 19 5.09 -14.40 20.20
N PRO A 20 4.50 -13.40 19.49
CA PRO A 20 4.05 -13.59 18.11
C PRO A 20 5.01 -14.20 17.10
N ASP A 21 6.30 -14.22 17.43
CA ASP A 21 7.28 -14.80 16.53
C ASP A 21 7.69 -16.19 16.96
N VAL A 22 7.13 -16.65 18.08
CA VAL A 22 7.47 -17.96 18.58
C VAL A 22 6.26 -18.87 18.54
N ILE A 23 6.37 -19.97 17.80
CA ILE A 23 5.28 -20.91 17.71
C ILE A 23 5.04 -21.57 19.09
N PRO A 24 3.80 -21.49 19.62
CA PRO A 24 3.41 -22.05 20.92
C PRO A 24 3.42 -23.57 20.99
N THR A 25 4.62 -24.16 20.86
CA THR A 25 4.82 -25.60 20.94
C THR A 25 4.78 -26.07 22.38
N GLN A 26 3.76 -26.84 22.74
CA GLN A 26 3.67 -27.37 24.09
C GLN A 26 4.54 -28.62 24.06
N ARG A 27 5.48 -28.73 24.97
CA ARG A 27 6.41 -29.85 24.96
C ARG A 27 6.99 -29.84 23.55
N ASP A 28 6.81 -30.91 22.80
CA ASP A 28 7.32 -30.92 21.43
C ASP A 28 6.36 -31.55 20.45
N ARG A 29 5.08 -31.48 20.81
CA ARG A 29 4.01 -32.01 19.97
C ARG A 29 3.62 -30.80 19.12
N PRO A 30 3.32 -31.01 17.83
CA PRO A 30 2.94 -29.88 17.00
C PRO A 30 1.66 -29.14 17.42
N VAL A 31 1.55 -27.89 16.96
CA VAL A 31 0.40 -27.04 17.22
C VAL A 31 -0.81 -27.45 16.38
N ALA A 32 -1.86 -27.90 17.06
CA ALA A 32 -3.10 -28.33 16.42
C ALA A 32 -3.88 -27.12 15.91
N VAL A 33 -3.71 -26.80 14.63
CA VAL A 33 -4.45 -25.69 14.08
C VAL A 33 -5.54 -26.21 13.16
N SER A 34 -6.75 -25.71 13.37
CA SER A 34 -7.88 -26.11 12.56
C SER A 34 -8.27 -24.98 11.60
N VAL A 35 -8.50 -25.34 10.34
CA VAL A 35 -8.87 -24.39 9.28
C VAL A 35 -10.17 -24.83 8.61
N SER A 36 -11.08 -23.90 8.44
CA SER A 36 -12.33 -24.22 7.80
C SER A 36 -12.79 -23.01 7.00
N LEU A 37 -13.00 -23.18 5.70
CA LEU A 37 -13.43 -22.05 4.89
C LEU A 37 -14.95 -22.01 4.73
N LYS A 38 -15.47 -20.80 4.72
CA LYS A 38 -16.90 -20.60 4.53
C LYS A 38 -17.05 -19.65 3.34
N PHE A 39 -17.13 -20.24 2.16
CA PHE A 39 -17.25 -19.47 0.94
C PHE A 39 -18.41 -18.49 1.03
N ILE A 40 -18.08 -17.23 0.83
CA ILE A 40 -19.08 -16.17 0.90
C ILE A 40 -19.49 -15.73 -0.49
N ASN A 41 -18.57 -15.77 -1.45
CA ASN A 41 -18.92 -15.36 -2.80
C ASN A 41 -17.92 -15.86 -3.83
N ILE A 42 -18.32 -15.80 -5.09
CA ILE A 42 -17.47 -16.21 -6.19
C ILE A 42 -17.67 -15.03 -7.13
N LEU A 43 -16.69 -14.13 -7.12
CA LEU A 43 -16.78 -12.92 -7.93
C LEU A 43 -16.38 -13.02 -9.39
N GLU A 44 -15.25 -13.67 -9.67
CA GLU A 44 -14.76 -13.81 -11.03
C GLU A 44 -14.36 -15.25 -11.32
N VAL A 45 -14.62 -15.67 -12.56
CA VAL A 45 -14.30 -17.02 -12.99
C VAL A 45 -13.93 -17.05 -14.47
N ASN A 46 -12.77 -17.60 -14.79
CA ASN A 46 -12.33 -17.68 -16.18
C ASN A 46 -12.25 -19.13 -16.69
N GLU A 47 -13.23 -19.51 -17.50
CA GLU A 47 -13.33 -20.85 -18.07
C GLU A 47 -12.09 -21.24 -18.88
N ILE A 48 -11.56 -20.24 -19.60
CA ILE A 48 -10.39 -20.41 -20.46
C ILE A 48 -9.04 -20.50 -19.75
N THR A 49 -8.77 -19.58 -18.82
CA THR A 49 -7.51 -19.55 -18.08
C THR A 49 -7.54 -20.28 -16.75
N ASN A 50 -8.65 -20.92 -16.41
CA ASN A 50 -8.82 -21.64 -15.14
C ASN A 50 -8.40 -20.82 -13.91
N GLU A 51 -9.12 -19.74 -13.66
CA GLU A 51 -8.84 -18.86 -12.53
C GLU A 51 -10.18 -18.41 -11.92
N VAL A 52 -10.24 -18.38 -10.59
CA VAL A 52 -11.44 -17.95 -9.88
C VAL A 52 -11.05 -16.90 -8.84
N ASP A 53 -11.92 -15.93 -8.65
CA ASP A 53 -11.67 -14.88 -7.67
C ASP A 53 -12.80 -15.14 -6.68
N VAL A 54 -12.46 -15.48 -5.45
CA VAL A 54 -13.51 -15.75 -4.46
C VAL A 54 -13.39 -15.06 -3.11
N VAL A 55 -14.52 -15.00 -2.41
CA VAL A 55 -14.56 -14.41 -1.09
C VAL A 55 -14.97 -15.48 -0.11
N PHE A 56 -14.23 -15.58 0.99
CA PHE A 56 -14.51 -16.58 2.00
C PHE A 56 -14.05 -16.15 3.41
N TRP A 57 -14.64 -16.80 4.41
CA TRP A 57 -14.29 -16.55 5.79
C TRP A 57 -13.38 -17.71 6.19
N GLN A 58 -12.14 -17.40 6.53
CA GLN A 58 -11.21 -18.46 6.91
C GLN A 58 -11.21 -18.69 8.43
N ARG A 59 -12.08 -19.57 8.89
CA ARG A 59 -12.16 -19.88 10.31
C ARG A 59 -10.90 -20.64 10.73
N THR A 60 -10.11 -20.02 11.60
CA THR A 60 -8.86 -20.58 12.05
C THR A 60 -8.77 -20.66 13.56
N THR A 61 -8.40 -21.85 14.02
CA THR A 61 -8.34 -22.14 15.44
C THR A 61 -7.09 -22.87 15.90
N TRP A 62 -6.53 -22.41 17.02
CA TRP A 62 -5.36 -23.05 17.59
C TRP A 62 -5.32 -22.70 19.06
N SER A 63 -4.38 -23.32 19.75
CA SER A 63 -4.27 -23.13 21.18
C SER A 63 -2.93 -22.60 21.62
N ASP A 64 -2.98 -21.73 22.60
CA ASP A 64 -1.78 -21.14 23.15
C ASP A 64 -2.01 -20.90 24.64
N ARG A 65 -1.80 -21.94 25.44
CA ARG A 65 -2.03 -21.84 26.87
C ARG A 65 -1.18 -20.80 27.61
N THR A 66 -0.11 -20.32 26.98
CA THR A 66 0.73 -19.32 27.65
C THR A 66 0.01 -17.98 27.75
N LEU A 67 -1.19 -17.91 27.19
CA LEU A 67 -1.98 -16.69 27.23
C LEU A 67 -3.20 -16.85 28.15
N ALA A 68 -3.38 -18.06 28.69
CA ALA A 68 -4.51 -18.35 29.56
C ALA A 68 -4.57 -17.47 30.81
N TRP A 69 -5.75 -17.35 31.38
CA TRP A 69 -5.92 -16.54 32.58
C TRP A 69 -7.20 -16.95 33.29
N ASP A 70 -7.26 -16.70 34.59
CA ASP A 70 -8.45 -17.05 35.37
C ASP A 70 -9.56 -16.05 35.09
N SER A 71 -10.66 -16.50 34.48
CA SER A 71 -11.79 -15.62 34.19
C SER A 71 -12.96 -15.92 35.11
N SER A 72 -12.68 -16.42 36.31
CA SER A 72 -13.71 -16.76 37.27
C SER A 72 -14.36 -15.50 37.84
N HIS A 73 -13.71 -14.37 37.61
CA HIS A 73 -14.23 -13.10 38.08
C HIS A 73 -13.93 -12.00 37.08
N SER A 74 -13.82 -12.38 35.81
CA SER A 74 -13.54 -11.45 34.73
C SER A 74 -13.93 -12.14 33.44
N PRO A 75 -14.01 -11.39 32.32
CA PRO A 75 -14.36 -11.94 31.01
C PRO A 75 -13.44 -13.10 30.63
N ASP A 76 -13.98 -14.06 29.89
CA ASP A 76 -13.16 -15.19 29.47
C ASP A 76 -12.81 -15.07 28.00
N GLN A 77 -13.18 -13.96 27.39
CA GLN A 77 -12.89 -13.72 25.99
C GLN A 77 -12.71 -12.26 25.67
N VAL A 78 -11.69 -11.98 24.87
CA VAL A 78 -11.39 -10.62 24.44
C VAL A 78 -10.86 -10.63 23.01
N SER A 79 -11.11 -9.54 22.30
CA SER A 79 -10.65 -9.37 20.93
C SER A 79 -9.25 -8.75 21.01
N VAL A 80 -8.30 -9.35 20.29
CA VAL A 80 -6.92 -8.88 20.27
C VAL A 80 -6.38 -8.80 18.84
N PRO A 81 -5.61 -7.75 18.52
CA PRO A 81 -5.03 -7.59 17.18
C PRO A 81 -4.09 -8.76 16.93
N ILE A 82 -4.26 -9.44 15.81
CA ILE A 82 -3.41 -10.57 15.52
C ILE A 82 -1.95 -10.19 15.65
N SER A 83 -1.64 -8.90 15.58
CA SER A 83 -0.26 -8.46 15.71
C SER A 83 0.34 -8.66 17.12
N SER A 84 -0.49 -8.87 18.12
CA SER A 84 0.01 -9.08 19.48
C SER A 84 0.00 -10.55 19.86
N LEU A 85 -0.34 -11.40 18.89
CA LEU A 85 -0.41 -12.84 19.10
C LEU A 85 0.41 -13.51 18.04
N TRP A 86 0.69 -14.78 18.27
CA TRP A 86 1.41 -15.59 17.31
C TRP A 86 0.28 -16.08 16.41
N VAL A 87 0.59 -16.31 15.14
CA VAL A 87 -0.44 -16.73 14.22
C VAL A 87 0.13 -17.78 13.31
N PRO A 88 -0.71 -18.73 12.89
CA PRO A 88 -0.20 -19.77 11.98
C PRO A 88 0.19 -19.12 10.62
N ASP A 89 1.30 -19.58 10.04
CA ASP A 89 1.78 -19.04 8.77
C ASP A 89 1.16 -19.73 7.56
N LEU A 90 -0.15 -19.84 7.58
CA LEU A 90 -0.89 -20.48 6.50
C LEU A 90 -0.80 -19.69 5.21
N ALA A 91 -0.89 -20.43 4.11
CA ALA A 91 -0.84 -19.89 2.74
C ALA A 91 -1.64 -20.81 1.82
N ALA A 92 -2.12 -20.28 0.70
CA ALA A 92 -2.87 -21.06 -0.28
C ALA A 92 -1.88 -21.45 -1.36
N TYR A 93 -1.42 -22.70 -1.31
CA TYR A 93 -0.44 -23.18 -2.26
C TYR A 93 -0.78 -22.87 -3.72
N ASN A 94 -2.05 -22.81 -4.07
CA ASN A 94 -2.41 -22.52 -5.46
C ASN A 94 -2.90 -21.09 -5.73
N ALA A 95 -2.70 -20.21 -4.74
CA ALA A 95 -3.12 -18.82 -4.82
C ALA A 95 -2.27 -18.00 -5.81
N ILE A 96 -2.91 -17.28 -6.74
CA ILE A 96 -2.18 -16.50 -7.72
C ILE A 96 -2.28 -14.99 -7.50
N SER A 97 -2.48 -14.61 -6.25
CA SER A 97 -2.59 -13.21 -5.84
C SER A 97 -2.51 -13.21 -4.32
N LYS A 98 -1.85 -12.22 -3.75
CA LYS A 98 -1.77 -12.17 -2.30
C LYS A 98 -3.16 -12.01 -1.70
N PRO A 99 -3.40 -12.65 -0.54
CA PRO A 99 -4.70 -12.58 0.12
C PRO A 99 -5.13 -11.18 0.54
N GLU A 100 -6.40 -10.88 0.35
CA GLU A 100 -6.88 -9.57 0.72
C GLU A 100 -7.88 -9.70 1.86
N VAL A 101 -7.43 -9.26 3.04
CA VAL A 101 -8.25 -9.31 4.24
C VAL A 101 -9.15 -8.09 4.25
N LEU A 102 -10.43 -8.36 4.19
CA LEU A 102 -11.44 -7.33 4.15
C LEU A 102 -11.87 -6.85 5.54
N THR A 103 -11.72 -7.72 6.54
CA THR A 103 -12.12 -7.44 7.91
C THR A 103 -10.97 -7.09 8.86
N PRO A 104 -11.29 -6.37 9.96
CA PRO A 104 -10.37 -5.91 11.00
C PRO A 104 -9.52 -7.07 11.52
N GLN A 105 -8.20 -6.91 11.47
CA GLN A 105 -7.25 -7.94 11.87
C GLN A 105 -7.24 -8.26 13.35
N LEU A 106 -8.39 -8.71 13.84
CA LEU A 106 -8.56 -9.01 15.24
C LEU A 106 -8.92 -10.46 15.50
N ALA A 107 -8.32 -11.03 16.54
CA ALA A 107 -8.56 -12.41 16.94
C ALA A 107 -9.37 -12.44 18.23
N ARG A 108 -9.83 -13.62 18.58
CA ARG A 108 -10.59 -13.77 19.79
C ARG A 108 -9.81 -14.76 20.65
N VAL A 109 -9.43 -14.34 21.85
CA VAL A 109 -8.69 -15.24 22.72
C VAL A 109 -9.53 -15.60 23.94
N VAL A 110 -9.75 -16.90 24.11
CA VAL A 110 -10.54 -17.43 25.22
C VAL A 110 -9.62 -17.68 26.44
N SER A 111 -10.13 -17.43 27.64
CA SER A 111 -9.37 -17.57 28.88
C SER A 111 -8.56 -18.84 28.99
N ASP A 112 -8.96 -19.87 28.25
CA ASP A 112 -8.24 -21.13 28.29
C ASP A 112 -7.17 -21.23 27.21
N GLY A 113 -6.72 -20.08 26.71
CA GLY A 113 -5.69 -20.07 25.68
C GLY A 113 -6.14 -20.31 24.25
N GLU A 114 -7.39 -20.72 24.06
CA GLU A 114 -7.90 -20.97 22.72
C GLU A 114 -7.87 -19.70 21.89
N VAL A 115 -7.50 -19.83 20.63
CA VAL A 115 -7.49 -18.65 19.80
C VAL A 115 -8.34 -18.87 18.56
N LEU A 116 -9.12 -17.85 18.21
CA LEU A 116 -9.99 -17.88 17.03
C LEU A 116 -9.80 -16.65 16.17
N TYR A 117 -9.39 -16.87 14.93
CA TYR A 117 -9.21 -15.79 13.97
C TYR A 117 -9.98 -16.21 12.73
N MET A 118 -10.93 -15.37 12.34
CA MET A 118 -11.73 -15.68 11.17
C MET A 118 -11.89 -14.46 10.29
N PRO A 119 -10.89 -14.19 9.46
CA PRO A 119 -10.99 -13.04 8.58
C PRO A 119 -11.76 -13.42 7.32
N SER A 120 -12.26 -12.41 6.63
CA SER A 120 -12.96 -12.61 5.38
C SER A 120 -11.85 -12.30 4.38
N ILE A 121 -11.75 -13.14 3.36
CA ILE A 121 -10.70 -12.95 2.37
C ILE A 121 -11.15 -12.99 0.93
N ARG A 122 -10.52 -12.15 0.11
CA ARG A 122 -10.78 -12.09 -1.32
C ARG A 122 -9.45 -12.52 -1.91
N GLN A 123 -9.45 -13.54 -2.74
CA GLN A 123 -8.21 -14.00 -3.30
C GLN A 123 -8.42 -14.77 -4.60
N ARG A 124 -7.41 -14.76 -5.46
CA ARG A 124 -7.45 -15.46 -6.73
C ARG A 124 -6.66 -16.77 -6.66
N PHE A 125 -7.21 -17.83 -7.23
CA PHE A 125 -6.57 -19.14 -7.24
C PHE A 125 -6.56 -19.70 -8.65
N SER A 126 -5.63 -20.63 -8.89
CA SER A 126 -5.49 -21.31 -10.17
C SER A 126 -6.03 -22.69 -9.89
N CYS A 127 -7.16 -23.05 -10.49
CA CYS A 127 -7.74 -24.34 -10.22
C CYS A 127 -8.65 -24.77 -11.35
N ASP A 128 -9.22 -25.95 -11.24
CA ASP A 128 -10.07 -26.49 -12.29
C ASP A 128 -11.43 -25.81 -12.46
N VAL A 129 -11.59 -25.09 -13.58
CA VAL A 129 -12.82 -24.37 -13.85
C VAL A 129 -13.71 -25.10 -14.83
N SER A 130 -13.13 -26.07 -15.51
CA SER A 130 -13.82 -26.86 -16.49
C SER A 130 -15.13 -27.41 -15.93
N GLY A 131 -16.16 -27.37 -16.77
CA GLY A 131 -17.47 -27.83 -16.37
C GLY A 131 -18.26 -26.83 -15.54
N VAL A 132 -17.71 -25.64 -15.33
CA VAL A 132 -18.41 -24.64 -14.51
C VAL A 132 -19.79 -24.24 -15.06
N ASP A 133 -19.99 -24.46 -16.34
CA ASP A 133 -21.23 -24.12 -17.02
C ASP A 133 -22.16 -25.32 -17.25
N THR A 134 -21.88 -26.43 -16.58
CA THR A 134 -22.70 -27.64 -16.71
C THR A 134 -23.52 -27.92 -15.45
N GLU A 135 -24.55 -28.73 -15.59
CA GLU A 135 -25.39 -29.06 -14.45
C GLU A 135 -24.57 -29.63 -13.29
N SER A 136 -23.52 -30.36 -13.60
CA SER A 136 -22.68 -30.95 -12.56
C SER A 136 -21.64 -29.97 -12.01
N GLY A 137 -21.52 -28.81 -12.66
CA GLY A 137 -20.61 -27.79 -12.21
C GLY A 137 -19.13 -28.13 -12.29
N ALA A 138 -18.30 -27.23 -11.79
CA ALA A 138 -16.86 -27.44 -11.82
C ALA A 138 -16.33 -27.67 -10.41
N THR A 139 -15.13 -28.24 -10.29
CA THR A 139 -14.56 -28.43 -8.96
C THR A 139 -13.20 -27.76 -8.80
N CYS A 140 -13.18 -26.74 -7.95
CA CYS A 140 -11.97 -25.98 -7.67
C CYS A 140 -11.43 -26.35 -6.28
N ARG A 141 -10.29 -27.02 -6.25
CA ARG A 141 -9.69 -27.41 -4.99
C ARG A 141 -8.73 -26.30 -4.55
N ILE A 142 -8.71 -26.01 -3.27
CA ILE A 142 -7.82 -24.99 -2.73
C ILE A 142 -7.02 -25.59 -1.58
N LYS A 143 -5.70 -25.61 -1.72
CA LYS A 143 -4.83 -26.16 -0.70
C LYS A 143 -4.22 -25.11 0.22
N ILE A 144 -4.63 -25.14 1.49
CA ILE A 144 -4.13 -24.20 2.47
C ILE A 144 -3.43 -24.95 3.60
N GLY A 145 -2.15 -24.61 3.82
CA GLY A 145 -1.34 -25.23 4.86
C GLY A 145 -0.22 -24.29 5.32
N SER A 146 0.58 -24.72 6.29
CA SER A 146 1.69 -23.90 6.79
C SER A 146 2.73 -23.76 5.70
N TRP A 147 3.29 -22.58 5.59
CA TRP A 147 4.29 -22.34 4.60
C TRP A 147 5.70 -22.73 5.00
N THR A 148 6.01 -22.66 6.30
CA THR A 148 7.36 -22.99 6.73
C THR A 148 7.49 -23.98 7.87
N HIS A 149 6.38 -24.37 8.48
CA HIS A 149 6.44 -25.32 9.58
C HIS A 149 5.95 -26.70 9.17
N HIS A 150 6.88 -27.63 9.02
CA HIS A 150 6.54 -29.00 8.63
C HIS A 150 5.63 -29.67 9.67
N SER A 151 5.12 -30.84 9.32
CA SER A 151 4.21 -31.63 10.15
C SER A 151 4.53 -31.70 11.65
N ARG A 152 5.80 -31.89 11.98
CA ARG A 152 6.20 -31.98 13.38
C ARG A 152 5.99 -30.68 14.15
N GLU A 153 5.98 -29.56 13.46
CA GLU A 153 5.78 -28.29 14.15
C GLU A 153 4.31 -27.85 14.09
N ILE A 154 3.67 -28.05 12.94
CA ILE A 154 2.27 -27.66 12.76
C ILE A 154 1.45 -28.78 12.14
N SER A 155 0.19 -28.88 12.55
CA SER A 155 -0.72 -29.89 12.03
C SER A 155 -2.02 -29.19 11.66
N VAL A 156 -2.52 -29.43 10.45
CA VAL A 156 -3.77 -28.82 10.02
C VAL A 156 -4.89 -29.83 9.85
N ASP A 157 -5.95 -29.65 10.62
CA ASP A 157 -7.09 -30.54 10.55
C ASP A 157 -8.37 -29.73 10.48
N PRO A 158 -9.19 -29.95 9.44
CA PRO A 158 -10.45 -29.23 9.26
C PRO A 158 -11.54 -29.72 10.22
N THR A 159 -12.33 -28.81 10.77
CA THR A 159 -13.40 -29.22 11.68
C THR A 159 -14.60 -29.68 10.85
N THR A 160 -14.56 -30.93 10.39
CA THR A 160 -15.64 -31.50 9.58
C THR A 160 -16.87 -31.86 10.41
N GLU A 161 -17.91 -31.06 10.28
CA GLU A 161 -19.15 -31.27 11.02
C GLU A 161 -20.32 -31.11 10.05
N ASN A 162 -21.48 -30.79 10.62
CA ASN A 162 -22.69 -30.59 9.80
C ASN A 162 -22.99 -29.12 9.61
N SER A 163 -22.42 -28.54 8.55
CA SER A 163 -22.64 -27.12 8.26
C SER A 163 -23.02 -26.97 6.78
N ASP A 164 -23.96 -26.08 6.48
CA ASP A 164 -24.42 -25.85 5.11
C ASP A 164 -23.29 -25.20 4.29
N ASP A 165 -22.90 -25.88 3.22
CA ASP A 165 -21.83 -25.38 2.36
C ASP A 165 -22.05 -23.93 1.93
N SER A 166 -23.26 -23.62 1.45
CA SER A 166 -23.60 -22.27 1.02
C SER A 166 -24.48 -21.57 2.04
N GLU A 167 -24.21 -21.83 3.33
CA GLU A 167 -24.96 -21.24 4.42
C GLU A 167 -24.83 -19.70 4.42
N TYR A 168 -23.63 -19.20 4.19
CA TYR A 168 -23.35 -17.76 4.18
C TYR A 168 -23.02 -17.25 2.79
N PHE A 169 -23.26 -18.07 1.79
CA PHE A 169 -22.98 -17.71 0.41
C PHE A 169 -23.95 -16.64 -0.08
N SER A 170 -23.42 -15.62 -0.72
CA SER A 170 -24.27 -14.55 -1.21
C SER A 170 -25.27 -15.06 -2.26
N GLN A 171 -26.51 -14.63 -2.10
CA GLN A 171 -27.59 -15.00 -3.00
C GLN A 171 -27.51 -14.22 -4.31
N TYR A 172 -26.68 -13.19 -4.31
CA TYR A 172 -26.55 -12.34 -5.48
C TYR A 172 -25.40 -12.70 -6.40
N SER A 173 -24.64 -13.72 -6.02
CA SER A 173 -23.54 -14.14 -6.84
C SER A 173 -24.09 -14.73 -8.14
N ARG A 174 -23.24 -14.89 -9.14
CA ARG A 174 -23.66 -15.45 -10.44
C ARG A 174 -23.49 -16.95 -10.48
N PHE A 175 -23.00 -17.51 -9.38
CA PHE A 175 -22.79 -18.95 -9.28
C PHE A 175 -23.50 -19.48 -8.06
N GLU A 176 -23.52 -20.81 -7.94
CA GLU A 176 -24.14 -21.47 -6.80
C GLU A 176 -23.26 -22.62 -6.34
N ILE A 177 -23.20 -22.83 -5.02
CA ILE A 177 -22.41 -23.89 -4.44
C ILE A 177 -23.19 -25.19 -4.47
N LEU A 178 -22.56 -26.22 -5.01
CA LEU A 178 -23.17 -27.53 -5.12
C LEU A 178 -22.76 -28.34 -3.91
N ASP A 179 -21.51 -28.15 -3.49
CA ASP A 179 -20.99 -28.87 -2.35
C ASP A 179 -19.56 -28.45 -2.05
N VAL A 180 -19.18 -28.56 -0.78
CA VAL A 180 -17.84 -28.20 -0.37
C VAL A 180 -17.30 -29.23 0.61
N THR A 181 -16.34 -30.03 0.15
CA THR A 181 -15.72 -31.04 1.01
C THR A 181 -14.33 -30.54 1.35
N GLN A 182 -14.03 -30.52 2.65
CA GLN A 182 -12.75 -30.07 3.14
C GLN A 182 -11.96 -31.28 3.66
N LYS A 183 -11.05 -31.77 2.83
CA LYS A 183 -10.22 -32.93 3.16
C LYS A 183 -8.85 -32.50 3.67
N LYS A 184 -8.18 -33.41 4.36
CA LYS A 184 -6.84 -33.13 4.87
C LYS A 184 -5.84 -33.73 3.89
N ASN A 185 -4.60 -33.24 3.90
CA ASN A 185 -3.60 -33.77 3.00
C ASN A 185 -2.21 -33.40 3.47
N SER A 186 -1.22 -34.11 2.96
CA SER A 186 0.18 -33.89 3.31
C SER A 186 0.97 -33.57 2.04
N VAL A 187 1.77 -32.50 2.08
CA VAL A 187 2.56 -32.10 0.92
C VAL A 187 4.05 -32.17 1.22
N THR A 188 4.73 -33.14 0.62
CA THR A 188 6.16 -33.28 0.83
C THR A 188 6.87 -32.65 -0.36
N TYR A 189 8.13 -32.31 -0.20
CA TYR A 189 8.88 -31.69 -1.30
C TYR A 189 10.12 -32.47 -1.67
N SER A 190 10.44 -32.45 -2.96
CA SER A 190 11.61 -33.16 -3.47
C SER A 190 12.91 -32.52 -2.98
N CYS A 191 12.80 -31.57 -2.07
CA CYS A 191 13.98 -30.91 -1.53
C CYS A 191 14.40 -31.54 -0.25
N CYS A 192 13.42 -31.61 0.63
CA CYS A 192 13.60 -32.06 1.97
C CYS A 192 12.74 -33.27 2.32
N PRO A 193 13.14 -34.01 3.38
CA PRO A 193 12.42 -35.21 3.85
C PRO A 193 11.05 -34.97 4.48
N GLU A 194 10.98 -34.04 5.43
CA GLU A 194 9.72 -33.76 6.11
C GLU A 194 8.69 -33.16 5.17
N ALA A 195 7.43 -33.43 5.48
CA ALA A 195 6.30 -32.95 4.70
C ALA A 195 5.55 -31.87 5.45
N TYR A 196 4.77 -31.10 4.70
CA TYR A 196 3.99 -30.01 5.27
C TYR A 196 2.51 -30.32 5.18
N GLU A 197 1.87 -30.50 6.32
CA GLU A 197 0.44 -30.80 6.38
C GLU A 197 -0.38 -29.65 5.79
N ASP A 198 -1.41 -30.02 5.05
CA ASP A 198 -2.27 -29.05 4.38
C ASP A 198 -3.73 -29.51 4.37
N VAL A 199 -4.62 -28.59 4.00
CA VAL A 199 -6.04 -28.88 3.93
C VAL A 199 -6.57 -28.60 2.51
N GLU A 200 -7.08 -29.64 1.86
CA GLU A 200 -7.60 -29.51 0.50
C GLU A 200 -9.12 -29.29 0.47
N VAL A 201 -9.51 -28.04 0.24
CA VAL A 201 -10.91 -27.63 0.17
C VAL A 201 -11.48 -27.80 -1.23
N SER A 202 -12.46 -28.69 -1.38
CA SER A 202 -13.07 -28.91 -2.68
C SER A 202 -14.36 -28.16 -2.85
N LEU A 203 -14.31 -27.18 -3.73
CA LEU A 203 -15.46 -26.35 -4.00
C LEU A 203 -16.14 -26.69 -5.30
N ASN A 204 -17.20 -27.48 -5.20
CA ASN A 204 -17.95 -27.87 -6.38
C ASN A 204 -19.00 -26.79 -6.62
N PHE A 205 -18.85 -26.04 -7.70
CA PHE A 205 -19.80 -24.98 -8.01
C PHE A 205 -20.06 -24.92 -9.49
N ARG A 206 -21.17 -24.27 -9.86
CA ARG A 206 -21.56 -24.11 -11.26
C ARG A 206 -22.20 -22.72 -11.50
N LYS A 207 -22.31 -22.31 -12.76
CA LYS A 207 -22.92 -21.01 -13.03
C LYS A 207 -24.44 -21.15 -12.89
N LYS A 208 -25.10 -20.15 -12.28
CA LYS A 208 -26.55 -20.18 -12.12
C LYS A 208 -27.25 -19.97 -13.45
N GLY A 209 -28.26 -20.78 -13.72
CA GLY A 209 -28.97 -20.65 -14.98
C GLY A 209 -30.16 -21.58 -15.08
N ARG A 210 -31.27 -21.19 -14.45
CA ARG A 210 -32.51 -21.98 -14.45
C ARG A 210 -33.28 -21.91 -15.77
N SER A 211 -34.59 -22.15 -15.70
CA SER A 211 -35.46 -22.12 -16.88
C SER A 211 -35.56 -20.71 -17.46
N ALA B 4 18.64 -27.15 28.84
CA ALA B 4 18.30 -27.23 27.39
C ALA B 4 17.39 -26.08 27.01
N ALA B 5 17.78 -25.33 25.97
CA ALA B 5 16.98 -24.20 25.51
C ALA B 5 15.88 -24.65 24.54
N ASP B 6 14.83 -23.85 24.44
CA ASP B 6 13.70 -24.13 23.55
C ASP B 6 13.70 -23.18 22.35
N ARG B 7 12.65 -23.21 21.56
CA ARG B 7 12.56 -22.33 20.40
C ARG B 7 12.47 -20.86 20.81
N ALA B 8 11.84 -20.60 21.95
CA ALA B 8 11.69 -19.23 22.45
C ALA B 8 13.06 -18.57 22.66
N ASP B 9 13.99 -19.32 23.23
CA ASP B 9 15.34 -18.82 23.49
C ASP B 9 16.06 -18.64 22.15
N ILE B 10 16.16 -19.73 21.40
CA ILE B 10 16.83 -19.73 20.10
C ILE B 10 16.54 -18.44 19.35
N LEU B 11 15.27 -18.06 19.30
CA LEU B 11 14.87 -16.85 18.61
C LEU B 11 15.47 -15.62 19.28
N TYR B 12 15.26 -15.52 20.60
CA TYR B 12 15.78 -14.39 21.39
C TYR B 12 17.26 -14.12 21.12
N ASN B 13 18.08 -15.16 21.27
CA ASN B 13 19.51 -15.06 21.06
C ASN B 13 19.87 -14.67 19.64
N ILE B 14 19.00 -15.07 18.71
CA ILE B 14 19.18 -14.77 17.30
C ILE B 14 18.91 -13.29 17.03
N ARG B 15 17.95 -12.72 17.74
CA ARG B 15 17.63 -11.30 17.55
C ARG B 15 18.75 -10.41 18.08
N GLN B 16 19.63 -10.98 18.89
CA GLN B 16 20.74 -10.22 19.46
C GLN B 16 21.96 -10.15 18.55
N THR B 17 22.43 -11.31 18.10
CA THR B 17 23.61 -11.38 17.23
C THR B 17 23.29 -11.08 15.77
N SER B 18 22.01 -10.95 15.46
CA SER B 18 21.61 -10.67 14.08
C SER B 18 21.65 -9.19 13.75
N ARG B 19 22.13 -8.90 12.55
CA ARG B 19 22.25 -7.55 12.06
C ARG B 19 21.65 -7.50 10.67
N PRO B 20 20.31 -7.42 10.59
CA PRO B 20 19.58 -7.38 9.31
C PRO B 20 20.07 -6.39 8.24
N ASP B 21 20.97 -5.49 8.61
CA ASP B 21 21.49 -4.53 7.64
C ASP B 21 22.97 -4.71 7.41
N VAL B 22 23.53 -5.77 7.98
CA VAL B 22 24.94 -6.07 7.85
C VAL B 22 25.12 -7.43 7.18
N ILE B 23 25.75 -7.41 6.01
CA ILE B 23 26.00 -8.63 5.24
C ILE B 23 27.06 -9.46 5.97
N PRO B 24 26.71 -10.70 6.35
CA PRO B 24 27.62 -11.61 7.07
C PRO B 24 28.77 -12.13 6.22
N THR B 25 29.70 -11.25 5.89
CA THR B 25 30.85 -11.64 5.11
C THR B 25 31.76 -12.51 5.98
N GLN B 26 32.35 -13.54 5.37
CA GLN B 26 33.25 -14.44 6.07
C GLN B 26 34.68 -13.94 5.91
N ARG B 27 35.20 -13.28 6.95
CA ARG B 27 36.55 -12.76 6.87
C ARG B 27 36.50 -11.80 5.69
N ASP B 28 37.00 -12.26 4.56
CA ASP B 28 36.96 -11.48 3.34
C ASP B 28 36.62 -12.41 2.18
N ARG B 29 35.47 -13.04 2.31
CA ARG B 29 34.95 -13.95 1.31
C ARG B 29 33.54 -13.50 1.00
N PRO B 30 33.24 -13.25 -0.29
CA PRO B 30 31.87 -12.82 -0.59
C PRO B 30 30.90 -13.86 -0.07
N VAL B 31 29.68 -13.42 0.19
CA VAL B 31 28.65 -14.31 0.69
C VAL B 31 28.04 -15.04 -0.50
N ALA B 32 28.07 -16.36 -0.40
CA ALA B 32 27.56 -17.23 -1.43
C ALA B 32 26.08 -17.45 -1.23
N VAL B 33 25.30 -16.97 -2.19
CA VAL B 33 23.86 -17.10 -2.13
C VAL B 33 23.40 -17.95 -3.32
N SER B 34 22.66 -19.01 -3.04
CA SER B 34 22.15 -19.86 -4.12
C SER B 34 20.73 -19.40 -4.42
N VAL B 35 20.44 -19.24 -5.71
CA VAL B 35 19.11 -18.80 -6.12
C VAL B 35 18.60 -19.63 -7.28
N SER B 36 17.43 -20.24 -7.08
CA SER B 36 16.78 -21.07 -8.10
C SER B 36 15.26 -20.85 -8.07
N LEU B 37 14.66 -20.71 -9.24
CA LEU B 37 13.22 -20.50 -9.31
C LEU B 37 12.48 -21.77 -9.66
N LYS B 38 11.32 -21.95 -9.03
CA LYS B 38 10.49 -23.11 -9.29
C LYS B 38 9.15 -22.57 -9.81
N PHE B 39 9.07 -22.35 -11.12
CA PHE B 39 7.87 -21.81 -11.74
C PHE B 39 6.58 -22.57 -11.40
N ILE B 40 5.57 -21.81 -10.97
CA ILE B 40 4.29 -22.36 -10.55
C ILE B 40 3.14 -22.05 -11.50
N ASN B 41 3.21 -20.90 -12.16
CA ASN B 41 2.16 -20.53 -13.06
C ASN B 41 2.59 -19.45 -14.05
N ILE B 42 1.86 -19.37 -15.16
CA ILE B 42 2.10 -18.39 -16.20
C ILE B 42 0.74 -17.80 -16.54
N LEU B 43 0.58 -16.52 -16.24
CA LEU B 43 -0.68 -15.83 -16.48
C LEU B 43 -0.57 -14.91 -17.69
N GLU B 44 -1.28 -13.78 -17.65
CA GLU B 44 -1.27 -12.83 -18.74
C GLU B 44 0.04 -12.75 -19.50
N VAL B 45 0.04 -13.28 -20.72
CA VAL B 45 1.21 -13.26 -21.59
C VAL B 45 0.90 -12.38 -22.77
N ASN B 46 1.45 -11.17 -22.79
CA ASN B 46 1.20 -10.25 -23.90
C ASN B 46 2.32 -10.35 -24.94
N GLU B 47 2.10 -11.15 -25.97
CA GLU B 47 3.10 -11.35 -27.00
C GLU B 47 3.36 -10.07 -27.80
N ILE B 48 2.50 -9.07 -27.64
CA ILE B 48 2.68 -7.81 -28.37
C ILE B 48 3.64 -6.87 -27.64
N THR B 49 3.57 -6.83 -26.32
CA THR B 49 4.41 -5.95 -25.54
C THR B 49 5.61 -6.69 -24.98
N ASN B 50 5.68 -7.98 -25.24
CA ASN B 50 6.80 -8.78 -24.75
C ASN B 50 6.82 -8.74 -23.24
N GLU B 51 5.65 -8.86 -22.64
CA GLU B 51 5.51 -8.83 -21.19
C GLU B 51 4.79 -10.08 -20.70
N VAL B 52 5.17 -10.55 -19.52
CA VAL B 52 4.56 -11.74 -18.93
C VAL B 52 4.44 -11.69 -17.42
N ASP B 53 3.37 -12.30 -16.90
CA ASP B 53 3.13 -12.35 -15.46
C ASP B 53 3.48 -13.75 -15.01
N VAL B 54 4.47 -13.87 -14.13
CA VAL B 54 4.88 -15.18 -13.67
C VAL B 54 4.75 -15.35 -12.15
N VAL B 55 4.40 -16.56 -11.74
CA VAL B 55 4.29 -16.91 -10.32
C VAL B 55 5.31 -18.02 -10.13
N PHE B 56 6.17 -17.89 -9.12
CA PHE B 56 7.22 -18.88 -8.87
C PHE B 56 7.76 -18.81 -7.46
N TRP B 57 8.27 -19.94 -6.99
CA TRP B 57 8.86 -20.00 -5.66
C TRP B 57 10.35 -19.77 -5.79
N GLN B 58 10.84 -18.72 -5.14
CA GLN B 58 12.26 -18.41 -5.21
C GLN B 58 13.02 -19.01 -4.04
N ARG B 59 13.64 -20.17 -4.25
CA ARG B 59 14.43 -20.84 -3.22
C ARG B 59 15.80 -20.15 -3.08
N THR B 60 16.00 -19.48 -1.96
CA THR B 60 17.25 -18.76 -1.71
C THR B 60 17.96 -19.30 -0.47
N THR B 61 19.26 -19.57 -0.60
CA THR B 61 20.05 -20.11 0.50
C THR B 61 21.32 -19.30 0.71
N TRP B 62 21.90 -19.41 1.90
CA TRP B 62 23.14 -18.74 2.25
C TRP B 62 23.38 -19.03 3.72
N SER B 63 24.60 -18.79 4.19
CA SER B 63 24.91 -19.06 5.59
C SER B 63 25.25 -17.77 6.33
N ASP B 64 24.90 -17.73 7.62
CA ASP B 64 25.18 -16.59 8.48
C ASP B 64 25.58 -17.14 9.85
N ARG B 65 26.82 -17.60 9.94
CA ARG B 65 27.37 -18.17 11.17
C ARG B 65 26.96 -17.40 12.43
N THR B 66 26.88 -16.09 12.34
CA THR B 66 26.52 -15.26 13.48
C THR B 66 25.14 -15.61 14.02
N LEU B 67 24.46 -16.53 13.33
CA LEU B 67 23.15 -16.95 13.75
C LEU B 67 23.18 -18.32 14.42
N ALA B 68 24.18 -19.12 14.07
CA ALA B 68 24.32 -20.46 14.62
C ALA B 68 24.14 -20.57 16.14
N TRP B 69 23.87 -21.79 16.61
CA TRP B 69 23.69 -22.07 18.04
C TRP B 69 23.95 -23.55 18.37
N ASP B 70 23.69 -23.93 19.62
CA ASP B 70 23.91 -25.31 20.07
C ASP B 70 22.64 -26.14 19.96
N SER B 71 22.49 -26.85 18.85
CA SER B 71 21.31 -27.69 18.62
C SER B 71 21.42 -29.00 19.39
N SER B 72 22.37 -29.05 20.31
CA SER B 72 22.59 -30.24 21.11
C SER B 72 21.30 -30.70 21.78
N HIS B 73 20.82 -29.89 22.72
CA HIS B 73 19.61 -30.17 23.47
C HIS B 73 18.49 -29.21 23.12
N SER B 74 18.53 -28.70 21.89
CA SER B 74 17.55 -27.73 21.40
C SER B 74 17.25 -27.97 19.92
N PRO B 75 16.08 -27.49 19.43
CA PRO B 75 15.70 -27.64 18.02
C PRO B 75 16.76 -27.05 17.11
N ASP B 76 17.11 -27.75 16.03
CA ASP B 76 18.14 -27.26 15.12
C ASP B 76 17.58 -26.40 14.00
N GLN B 77 16.28 -26.12 14.06
CA GLN B 77 15.68 -25.33 13.03
C GLN B 77 14.46 -24.57 13.51
N VAL B 78 14.39 -23.31 13.11
CA VAL B 78 13.28 -22.46 13.51
C VAL B 78 12.93 -21.48 12.40
N SER B 79 11.69 -21.03 12.39
CA SER B 79 11.20 -20.07 11.40
C SER B 79 11.28 -18.67 12.01
N VAL B 80 11.92 -17.75 11.31
CA VAL B 80 12.10 -16.42 11.81
C VAL B 80 11.70 -15.36 10.76
N PRO B 81 11.04 -14.25 11.19
CA PRO B 81 10.63 -13.17 10.27
C PRO B 81 11.86 -12.66 9.53
N ILE B 82 11.76 -12.51 8.21
CA ILE B 82 12.91 -12.05 7.44
C ILE B 82 13.48 -10.68 7.86
N SER B 83 12.69 -9.89 8.59
CA SER B 83 13.17 -8.59 9.04
C SER B 83 14.04 -8.78 10.28
N SER B 84 14.06 -10.00 10.81
CA SER B 84 14.87 -10.24 11.99
C SER B 84 16.27 -10.69 11.63
N LEU B 85 16.58 -10.70 10.34
CA LEU B 85 17.89 -11.09 9.89
C LEU B 85 18.26 -10.47 8.56
N TRP B 86 19.54 -10.54 8.21
CA TRP B 86 19.97 -9.98 6.95
C TRP B 86 19.47 -10.86 5.83
N VAL B 87 19.07 -10.23 4.74
CA VAL B 87 18.57 -10.96 3.58
C VAL B 87 19.15 -10.33 2.33
N PRO B 88 19.58 -11.16 1.37
CA PRO B 88 20.14 -10.65 0.12
C PRO B 88 19.23 -9.66 -0.60
N ASP B 89 19.84 -8.59 -1.12
CA ASP B 89 19.08 -7.60 -1.85
C ASP B 89 18.97 -8.09 -3.28
N LEU B 90 18.41 -9.28 -3.45
CA LEU B 90 18.22 -9.82 -4.79
C LEU B 90 17.19 -8.95 -5.50
N ALA B 91 17.31 -8.91 -6.82
CA ALA B 91 16.38 -8.14 -7.64
C ALA B 91 16.30 -8.77 -9.04
N ALA B 92 15.26 -8.43 -9.79
CA ALA B 92 15.11 -8.93 -11.15
C ALA B 92 15.43 -7.70 -12.00
N TYR B 93 16.56 -7.75 -12.71
CA TYR B 93 17.02 -6.64 -13.53
C TYR B 93 16.06 -6.29 -14.68
N ASN B 94 15.30 -7.26 -15.15
CA ASN B 94 14.37 -7.00 -16.23
C ASN B 94 12.90 -7.05 -15.80
N ALA B 95 12.66 -6.75 -14.52
CA ALA B 95 11.31 -6.76 -13.95
C ALA B 95 10.63 -5.41 -14.15
N ILE B 96 9.35 -5.42 -14.51
CA ILE B 96 8.68 -4.14 -14.67
C ILE B 96 7.63 -3.90 -13.60
N SER B 97 7.57 -4.80 -12.63
CA SER B 97 6.64 -4.64 -11.53
C SER B 97 7.36 -5.07 -10.26
N LYS B 98 6.89 -4.57 -9.12
CA LYS B 98 7.49 -4.92 -7.84
C LYS B 98 7.19 -6.37 -7.58
N PRO B 99 8.10 -7.07 -6.89
CA PRO B 99 7.88 -8.49 -6.61
C PRO B 99 6.84 -8.76 -5.54
N GLU B 100 5.61 -9.03 -5.94
CA GLU B 100 4.56 -9.31 -4.96
C GLU B 100 4.76 -10.66 -4.25
N VAL B 101 5.02 -10.61 -2.94
CA VAL B 101 5.23 -11.85 -2.19
C VAL B 101 3.91 -12.40 -1.68
N LEU B 102 3.48 -13.52 -2.25
CA LEU B 102 2.22 -14.13 -1.90
C LEU B 102 2.15 -14.91 -0.57
N THR B 103 3.30 -15.37 -0.09
CA THR B 103 3.37 -16.16 1.13
C THR B 103 4.01 -15.42 2.30
N PRO B 104 3.86 -15.95 3.53
CA PRO B 104 4.42 -15.36 4.76
C PRO B 104 5.91 -15.11 4.57
N GLN B 105 6.40 -13.97 5.03
CA GLN B 105 7.81 -13.66 4.83
C GLN B 105 8.72 -14.16 5.95
N LEU B 106 8.68 -15.47 6.16
CA LEU B 106 9.49 -16.11 7.19
C LEU B 106 10.57 -16.94 6.52
N ALA B 107 11.72 -17.05 7.17
CA ALA B 107 12.82 -17.85 6.64
C ALA B 107 13.16 -18.97 7.63
N ARG B 108 13.82 -20.00 7.11
CA ARG B 108 14.20 -21.16 7.90
C ARG B 108 15.65 -21.06 8.36
N VAL B 109 15.87 -21.10 9.66
CA VAL B 109 17.21 -20.99 10.18
C VAL B 109 17.72 -22.26 10.84
N VAL B 110 18.88 -22.73 10.39
CA VAL B 110 19.49 -23.93 10.93
C VAL B 110 20.64 -23.56 11.84
N SER B 111 20.76 -24.26 12.97
CA SER B 111 21.79 -24.01 13.97
C SER B 111 23.20 -23.87 13.40
N ASP B 112 23.41 -24.36 12.20
CA ASP B 112 24.72 -24.24 11.60
C ASP B 112 24.81 -22.91 10.86
N GLY B 113 23.80 -22.07 11.06
CA GLY B 113 23.77 -20.77 10.41
C GLY B 113 23.24 -20.76 9.00
N GLU B 114 22.91 -21.93 8.46
CA GLU B 114 22.38 -21.98 7.11
C GLU B 114 20.99 -21.35 7.10
N VAL B 115 20.79 -20.43 6.17
CA VAL B 115 19.51 -19.73 6.04
C VAL B 115 18.78 -20.05 4.74
N LEU B 116 17.52 -20.44 4.89
CA LEU B 116 16.67 -20.77 3.75
C LEU B 116 15.45 -19.87 3.69
N TYR B 117 15.27 -19.22 2.55
CA TYR B 117 14.14 -18.34 2.35
C TYR B 117 13.57 -18.65 0.97
N MET B 118 12.33 -19.14 0.95
CA MET B 118 11.67 -19.52 -0.30
C MET B 118 10.28 -18.96 -0.44
N PRO B 119 10.18 -17.70 -0.88
CA PRO B 119 8.88 -17.06 -1.06
C PRO B 119 8.24 -17.35 -2.42
N SER B 120 6.93 -17.27 -2.44
CA SER B 120 6.18 -17.46 -3.67
C SER B 120 6.03 -16.04 -4.18
N ILE B 121 6.44 -15.79 -5.42
CA ILE B 121 6.38 -14.44 -5.96
C ILE B 121 5.60 -14.31 -7.25
N ARG B 122 4.84 -13.22 -7.34
CA ARG B 122 4.05 -12.90 -8.53
C ARG B 122 4.73 -11.66 -9.08
N GLN B 123 5.20 -11.70 -10.33
CA GLN B 123 5.88 -10.54 -10.90
C GLN B 123 5.82 -10.45 -12.41
N ARG B 124 5.89 -9.23 -12.94
CA ARG B 124 5.85 -9.02 -14.38
C ARG B 124 7.21 -8.60 -14.91
N PHE B 125 7.64 -9.30 -15.96
CA PHE B 125 8.94 -9.07 -16.57
C PHE B 125 8.81 -8.67 -18.03
N SER B 126 9.92 -8.19 -18.58
CA SER B 126 10.02 -7.80 -19.97
C SER B 126 10.98 -8.81 -20.60
N CYS B 127 10.50 -9.60 -21.55
CA CYS B 127 11.36 -10.60 -22.17
C CYS B 127 10.85 -11.02 -23.53
N ASP B 128 11.61 -11.86 -24.21
CA ASP B 128 11.18 -12.32 -25.51
C ASP B 128 9.99 -13.27 -25.32
N VAL B 129 8.82 -12.78 -25.69
CA VAL B 129 7.58 -13.55 -25.56
C VAL B 129 7.16 -14.12 -26.92
N SER B 130 7.77 -13.58 -27.98
CA SER B 130 7.48 -14.04 -29.33
C SER B 130 7.72 -15.54 -29.45
N GLY B 131 6.85 -16.20 -30.21
CA GLY B 131 6.96 -17.63 -30.41
C GLY B 131 6.15 -18.39 -29.39
N VAL B 132 5.60 -17.68 -28.41
CA VAL B 132 4.84 -18.34 -27.36
C VAL B 132 3.78 -19.30 -27.91
N ASP B 133 3.22 -18.95 -29.08
CA ASP B 133 2.20 -19.76 -29.76
C ASP B 133 2.82 -20.55 -30.93
N THR B 134 3.95 -21.22 -30.67
CA THR B 134 4.63 -22.03 -31.67
C THR B 134 5.11 -23.30 -30.98
N GLU B 135 5.43 -24.33 -31.77
CA GLU B 135 5.89 -25.59 -31.22
C GLU B 135 7.10 -25.37 -30.32
N SER B 136 8.03 -24.56 -30.78
CA SER B 136 9.25 -24.27 -30.03
C SER B 136 8.96 -23.35 -28.85
N GLY B 137 7.89 -22.58 -28.96
CA GLY B 137 7.51 -21.67 -27.89
C GLY B 137 8.43 -20.48 -27.76
N ALA B 138 8.19 -19.68 -26.72
CA ALA B 138 8.99 -18.51 -26.44
C ALA B 138 9.99 -18.81 -25.35
N THR B 139 11.03 -18.00 -25.28
CA THR B 139 12.04 -18.18 -24.25
C THR B 139 12.25 -16.91 -23.49
N CYS B 140 11.60 -16.83 -22.35
CA CYS B 140 11.68 -15.66 -21.49
C CYS B 140 12.83 -15.84 -20.50
N ARG B 141 13.77 -14.91 -20.54
CA ARG B 141 14.92 -14.95 -19.65
C ARG B 141 14.78 -13.94 -18.52
N ILE B 142 14.95 -14.43 -17.30
CA ILE B 142 14.86 -13.60 -16.10
C ILE B 142 16.24 -13.50 -15.43
N LYS B 143 16.77 -12.27 -15.31
CA LYS B 143 18.09 -12.06 -14.70
C LYS B 143 17.93 -11.53 -13.26
N ILE B 144 18.35 -12.34 -12.29
CA ILE B 144 18.23 -12.00 -10.88
C ILE B 144 19.59 -11.95 -10.16
N GLY B 145 19.83 -10.89 -9.41
CA GLY B 145 21.08 -10.80 -8.68
C GLY B 145 21.00 -9.74 -7.61
N SER B 146 22.13 -9.51 -6.93
CA SER B 146 22.20 -8.50 -5.89
C SER B 146 22.17 -7.14 -6.59
N TRP B 147 21.48 -6.18 -6.00
CA TRP B 147 21.37 -4.87 -6.59
C TRP B 147 22.49 -3.93 -6.17
N THR B 148 22.91 -4.05 -4.91
CA THR B 148 23.98 -3.19 -4.38
C THR B 148 25.27 -3.93 -3.99
N HIS B 149 25.23 -5.25 -3.84
CA HIS B 149 26.45 -5.99 -3.48
C HIS B 149 27.11 -6.63 -4.68
N HIS B 150 28.30 -6.16 -5.02
CA HIS B 150 29.01 -6.71 -6.17
C HIS B 150 29.66 -8.06 -5.86
N SER B 151 30.34 -8.62 -6.86
CA SER B 151 30.98 -9.95 -6.73
C SER B 151 31.84 -10.19 -5.49
N ARG B 152 32.62 -9.20 -5.05
CA ARG B 152 33.46 -9.39 -3.87
C ARG B 152 32.63 -9.54 -2.62
N GLU B 153 31.40 -9.01 -2.63
CA GLU B 153 30.51 -9.10 -1.47
C GLU B 153 29.47 -10.20 -1.61
N ILE B 154 28.84 -10.28 -2.78
CA ILE B 154 27.85 -11.34 -3.00
C ILE B 154 28.11 -12.15 -4.27
N SER B 155 28.10 -13.47 -4.12
CA SER B 155 28.30 -14.35 -5.26
C SER B 155 27.06 -15.20 -5.42
N VAL B 156 26.39 -15.07 -6.55
CA VAL B 156 25.17 -15.82 -6.81
C VAL B 156 25.36 -16.99 -7.76
N ASP B 157 24.96 -18.18 -7.32
CA ASP B 157 25.07 -19.38 -8.14
C ASP B 157 23.81 -20.24 -8.06
N PRO B 158 23.26 -20.66 -9.20
CA PRO B 158 22.05 -21.48 -9.28
C PRO B 158 22.30 -22.89 -8.77
N THR B 159 21.39 -23.38 -7.93
CA THR B 159 21.52 -24.73 -7.38
C THR B 159 21.03 -25.76 -8.40
N THR B 160 21.55 -25.66 -9.62
CA THR B 160 21.17 -26.54 -10.71
C THR B 160 21.31 -28.00 -10.35
N GLU B 161 20.23 -28.74 -10.54
CA GLU B 161 20.20 -30.16 -10.26
C GLU B 161 19.04 -30.84 -10.99
N ASN B 162 19.34 -32.00 -11.57
CA ASN B 162 18.35 -32.78 -12.32
C ASN B 162 17.03 -32.89 -11.56
N SER B 163 16.11 -32.00 -11.89
CA SER B 163 14.78 -31.94 -11.30
C SER B 163 13.74 -31.77 -12.40
N ASP B 164 12.47 -31.94 -12.03
CA ASP B 164 11.38 -31.78 -12.99
C ASP B 164 11.15 -30.27 -13.15
N ASP B 165 11.46 -29.73 -14.32
CA ASP B 165 11.28 -28.31 -14.58
C ASP B 165 9.86 -27.83 -14.27
N SER B 166 8.88 -28.68 -14.56
CA SER B 166 7.48 -28.37 -14.33
C SER B 166 6.93 -29.20 -13.17
N GLU B 167 7.79 -29.54 -12.22
CA GLU B 167 7.40 -30.34 -11.08
C GLU B 167 6.26 -29.72 -10.30
N TYR B 168 6.33 -28.41 -10.09
CA TYR B 168 5.30 -27.67 -9.34
C TYR B 168 4.44 -26.74 -10.20
N PHE B 169 4.63 -26.81 -11.52
CA PHE B 169 3.86 -25.97 -12.42
C PHE B 169 2.40 -26.39 -12.42
N SER B 170 1.49 -25.41 -12.37
CA SER B 170 0.06 -25.68 -12.35
C SER B 170 -0.44 -26.40 -13.61
N GLN B 171 -1.13 -27.51 -13.42
CA GLN B 171 -1.63 -28.28 -14.54
C GLN B 171 -2.78 -27.56 -15.26
N TYR B 172 -3.45 -26.69 -14.51
CA TYR B 172 -4.59 -25.94 -15.04
C TYR B 172 -4.14 -24.71 -15.81
N SER B 173 -2.83 -24.48 -15.84
CA SER B 173 -2.31 -23.32 -16.56
C SER B 173 -2.58 -23.42 -18.05
N ARG B 174 -2.70 -22.24 -18.67
CA ARG B 174 -2.98 -22.12 -20.08
C ARG B 174 -1.72 -22.48 -20.85
N PHE B 175 -0.60 -22.58 -20.14
CA PHE B 175 0.69 -22.89 -20.76
C PHE B 175 1.35 -24.17 -20.24
N GLU B 176 2.44 -24.57 -20.89
CA GLU B 176 3.20 -25.74 -20.47
C GLU B 176 4.70 -25.43 -20.54
N ILE B 177 5.46 -25.94 -19.58
CA ILE B 177 6.89 -25.67 -19.56
C ILE B 177 7.67 -26.60 -20.47
N LEU B 178 8.33 -26.03 -21.49
CA LEU B 178 9.11 -26.85 -22.40
C LEU B 178 10.44 -27.17 -21.74
N ASP B 179 11.02 -26.17 -21.10
CA ASP B 179 12.30 -26.38 -20.44
C ASP B 179 12.79 -25.15 -19.69
N VAL B 180 13.46 -25.40 -18.58
CA VAL B 180 13.99 -24.33 -17.75
C VAL B 180 15.48 -24.54 -17.49
N THR B 181 16.28 -23.53 -17.80
CA THR B 181 17.70 -23.64 -17.55
C THR B 181 18.19 -22.41 -16.84
N GLN B 182 18.99 -22.64 -15.80
CA GLN B 182 19.54 -21.56 -15.01
C GLN B 182 21.06 -21.47 -15.26
N LYS B 183 21.50 -20.31 -15.72
CA LYS B 183 22.91 -20.07 -16.02
C LYS B 183 23.46 -18.95 -15.15
N LYS B 184 24.73 -19.05 -14.79
CA LYS B 184 25.37 -18.01 -13.98
C LYS B 184 25.95 -16.97 -14.93
N ASN B 185 25.91 -15.70 -14.55
CA ASN B 185 26.46 -14.67 -15.41
C ASN B 185 27.09 -13.55 -14.57
N SER B 186 27.58 -12.50 -15.24
CA SER B 186 28.22 -11.37 -14.57
C SER B 186 28.11 -10.09 -15.40
N VAL B 187 27.97 -8.96 -14.72
CA VAL B 187 27.85 -7.69 -15.43
C VAL B 187 28.61 -6.56 -14.79
N THR B 188 29.51 -5.97 -15.56
CA THR B 188 30.31 -4.85 -15.09
C THR B 188 29.79 -3.63 -15.85
N TYR B 189 29.28 -2.66 -15.13
CA TYR B 189 28.73 -1.46 -15.75
C TYR B 189 29.84 -0.48 -16.11
N SER B 190 29.70 0.16 -17.26
CA SER B 190 30.69 1.11 -17.76
C SER B 190 30.71 2.39 -16.95
N CYS B 191 30.76 2.24 -15.62
CA CYS B 191 30.79 3.38 -14.70
C CYS B 191 31.77 3.07 -13.62
N CYS B 192 31.61 1.88 -13.11
CA CYS B 192 32.36 1.42 -11.98
C CYS B 192 33.09 0.09 -12.22
N PRO B 193 34.21 -0.13 -11.51
CA PRO B 193 35.00 -1.35 -11.65
C PRO B 193 34.33 -2.64 -11.22
N GLU B 194 33.71 -2.63 -10.03
CA GLU B 194 33.06 -3.81 -9.51
C GLU B 194 32.09 -4.46 -10.48
N ALA B 195 32.13 -5.79 -10.52
CA ALA B 195 31.27 -6.57 -11.39
C ALA B 195 30.17 -7.25 -10.56
N TYR B 196 28.93 -7.05 -10.95
CA TYR B 196 27.81 -7.64 -10.20
C TYR B 196 27.33 -8.98 -10.76
N GLU B 197 27.35 -10.02 -9.93
CA GLU B 197 26.92 -11.35 -10.32
C GLU B 197 25.39 -11.52 -10.40
N ASP B 198 24.95 -12.42 -11.28
CA ASP B 198 23.52 -12.68 -11.44
C ASP B 198 23.25 -14.07 -12.00
N VAL B 199 21.97 -14.41 -12.05
CA VAL B 199 21.60 -15.71 -12.56
C VAL B 199 20.55 -15.55 -13.65
N GLU B 200 20.83 -16.16 -14.79
CA GLU B 200 19.91 -16.09 -15.90
C GLU B 200 19.08 -17.34 -15.93
N VAL B 201 17.79 -17.19 -15.70
CA VAL B 201 16.86 -18.31 -15.74
C VAL B 201 16.12 -18.15 -17.06
N SER B 202 16.40 -19.06 -18.00
CA SER B 202 15.74 -19.04 -19.29
C SER B 202 14.55 -19.98 -19.23
N LEU B 203 13.36 -19.39 -19.28
CA LEU B 203 12.13 -20.15 -19.22
C LEU B 203 11.63 -20.39 -20.62
N ASN B 204 11.50 -21.66 -20.96
CA ASN B 204 11.01 -22.00 -22.27
C ASN B 204 9.61 -22.58 -22.10
N PHE B 205 8.63 -21.94 -22.73
CA PHE B 205 7.26 -22.37 -22.60
C PHE B 205 6.46 -22.00 -23.83
N ARG B 206 5.28 -22.62 -23.95
CA ARG B 206 4.39 -22.35 -25.05
C ARG B 206 2.95 -22.60 -24.59
N LYS B 207 1.99 -22.19 -25.41
CA LYS B 207 0.57 -22.38 -25.14
C LYS B 207 0.22 -23.85 -25.32
N LYS B 208 -0.83 -24.31 -24.65
CA LYS B 208 -1.28 -25.70 -24.76
C LYS B 208 -2.38 -25.86 -25.81
N GLY B 209 -2.65 -27.11 -26.21
CA GLY B 209 -3.69 -27.38 -27.19
C GLY B 209 -3.46 -26.77 -28.55
N ARG B 210 -2.24 -26.87 -29.05
CA ARG B 210 -1.91 -26.33 -30.37
C ARG B 210 -2.34 -27.32 -31.46
N SER B 211 -2.33 -26.87 -32.72
CA SER B 211 -2.71 -27.73 -33.85
C SER B 211 -1.50 -28.41 -34.49
N GLU B 212 -1.76 -29.45 -35.30
CA GLU B 212 -0.74 -30.21 -35.99
C GLU B 212 0.14 -29.38 -36.94
N ALA C 4 41.08 -2.34 14.14
CA ALA C 4 40.30 -2.00 12.91
C ALA C 4 38.82 -2.33 13.06
N ALA C 5 37.96 -1.56 12.39
CA ALA C 5 36.51 -1.77 12.45
C ALA C 5 35.99 -2.45 11.18
N ASP C 6 34.89 -3.18 11.32
CA ASP C 6 34.28 -3.89 10.19
C ASP C 6 32.96 -3.27 9.75
N ARG C 7 32.22 -3.99 8.91
CA ARG C 7 30.94 -3.50 8.42
C ARG C 7 29.94 -3.18 9.51
N ALA C 8 29.81 -4.07 10.49
CA ALA C 8 28.87 -3.84 11.57
C ALA C 8 29.21 -2.54 12.29
N ASP C 9 30.49 -2.24 12.42
CA ASP C 9 30.89 -1.02 13.10
C ASP C 9 30.59 0.18 12.24
N ILE C 10 31.02 0.13 11.00
CA ILE C 10 30.79 1.22 10.07
C ILE C 10 29.30 1.52 9.99
N LEU C 11 28.49 0.52 9.63
CA LEU C 11 27.05 0.71 9.53
C LEU C 11 26.50 1.33 10.81
N TYR C 12 26.86 0.76 11.95
CA TYR C 12 26.42 1.28 13.24
C TYR C 12 26.77 2.77 13.35
N ASN C 13 28.01 3.12 13.05
CA ASN C 13 28.44 4.50 13.12
C ASN C 13 27.71 5.41 12.16
N ILE C 14 27.40 4.90 10.97
CA ILE C 14 26.69 5.70 9.99
C ILE C 14 25.29 6.01 10.51
N ARG C 15 24.65 5.00 11.06
CA ARG C 15 23.32 5.16 11.61
C ARG C 15 23.40 6.06 12.85
N GLN C 16 24.58 6.10 13.47
CA GLN C 16 24.83 6.93 14.65
C GLN C 16 24.92 8.42 14.32
N THR C 17 25.41 8.75 13.13
CA THR C 17 25.60 10.14 12.75
C THR C 17 24.76 10.67 11.59
N SER C 18 24.01 9.79 10.95
CA SER C 18 23.18 10.20 9.82
C SER C 18 21.93 10.91 10.31
N ARG C 19 21.68 12.08 9.75
CA ARG C 19 20.51 12.86 10.09
C ARG C 19 19.67 12.91 8.83
N PRO C 20 18.88 11.86 8.59
CA PRO C 20 18.04 11.82 7.39
C PRO C 20 17.20 13.05 7.05
N ASP C 21 16.86 13.86 8.05
CA ASP C 21 16.02 15.04 7.80
C ASP C 21 16.77 16.39 7.75
N VAL C 22 18.09 16.36 7.68
CA VAL C 22 18.88 17.60 7.64
C VAL C 22 19.79 17.56 6.42
N ILE C 23 19.70 18.60 5.58
CA ILE C 23 20.51 18.64 4.38
C ILE C 23 22.01 18.80 4.65
N PRO C 24 22.83 17.84 4.19
CA PRO C 24 24.28 17.84 4.39
C PRO C 24 25.06 18.95 3.71
N THR C 25 24.73 20.19 4.09
CA THR C 25 25.38 21.37 3.53
C THR C 25 26.78 21.57 4.09
N GLN C 26 27.79 21.30 3.27
CA GLN C 26 29.18 21.48 3.68
C GLN C 26 29.42 22.99 3.69
N ARG C 27 29.74 23.52 4.87
CA ARG C 27 29.95 24.96 5.04
C ARG C 27 28.60 25.58 4.72
N ASP C 28 28.58 26.56 3.83
CA ASP C 28 27.31 27.16 3.45
C ASP C 28 27.16 27.25 1.95
N ARG C 29 27.15 26.08 1.32
CA ARG C 29 26.99 25.95 -0.11
C ARG C 29 26.01 24.81 -0.40
N PRO C 30 25.29 24.88 -1.52
CA PRO C 30 24.34 23.82 -1.85
C PRO C 30 24.96 22.43 -1.91
N VAL C 31 24.13 21.41 -1.76
CA VAL C 31 24.64 20.05 -1.84
C VAL C 31 24.72 19.71 -3.32
N ALA C 32 25.86 19.22 -3.76
CA ALA C 32 26.06 18.86 -5.15
C ALA C 32 25.48 17.48 -5.45
N VAL C 33 24.24 17.46 -5.92
CA VAL C 33 23.59 16.21 -6.27
C VAL C 33 23.67 16.05 -7.78
N SER C 34 24.21 14.94 -8.23
CA SER C 34 24.31 14.69 -9.65
C SER C 34 23.29 13.63 -10.00
N VAL C 35 22.52 13.89 -11.06
CA VAL C 35 21.46 12.97 -11.51
C VAL C 35 21.57 12.49 -12.96
N SER C 36 21.53 11.18 -13.13
CA SER C 36 21.63 10.58 -14.44
C SER C 36 20.59 9.47 -14.63
N LEU C 37 19.66 9.65 -15.57
CA LEU C 37 18.65 8.62 -15.83
C LEU C 37 19.09 7.64 -16.90
N LYS C 38 18.84 6.35 -16.65
CA LYS C 38 19.20 5.32 -17.59
C LYS C 38 17.96 4.51 -18.00
N PHE C 39 17.38 4.91 -19.13
CA PHE C 39 16.18 4.29 -19.67
C PHE C 39 16.34 2.81 -19.93
N ILE C 40 15.53 2.03 -19.24
CA ILE C 40 15.57 0.60 -19.34
C ILE C 40 14.44 0.03 -20.18
N ASN C 41 13.35 0.76 -20.30
CA ASN C 41 12.24 0.27 -21.09
C ASN C 41 11.17 1.33 -21.20
N ILE C 42 10.37 1.21 -22.25
CA ILE C 42 9.29 2.13 -22.52
C ILE C 42 8.08 1.24 -22.76
N LEU C 43 7.13 1.31 -21.84
CA LEU C 43 5.93 0.48 -21.90
C LEU C 43 4.77 1.24 -22.50
N GLU C 44 3.64 1.21 -21.82
CA GLU C 44 2.46 1.92 -22.29
C GLU C 44 2.87 3.28 -22.88
N VAL C 45 2.24 3.67 -23.98
CA VAL C 45 2.51 4.94 -24.66
C VAL C 45 1.24 5.37 -25.42
N ASN C 46 0.83 6.62 -25.27
CA ASN C 46 -0.36 7.11 -25.96
C ASN C 46 -0.07 8.43 -26.64
N GLU C 47 -0.31 8.52 -27.95
CA GLU C 47 -0.04 9.75 -28.68
C GLU C 47 -1.15 10.76 -28.62
N ILE C 48 -2.35 10.29 -28.30
CA ILE C 48 -3.52 11.17 -28.19
C ILE C 48 -3.52 11.90 -26.86
N THR C 49 -3.19 11.18 -25.79
CA THR C 49 -3.16 11.78 -24.46
C THR C 49 -1.77 12.19 -24.00
N ASN C 50 -0.78 12.00 -24.87
CA ASN C 50 0.58 12.37 -24.52
C ASN C 50 0.94 11.84 -23.14
N GLU C 51 0.99 10.54 -23.03
CA GLU C 51 1.31 9.91 -21.76
C GLU C 51 2.17 8.68 -21.96
N VAL C 52 3.25 8.59 -21.20
CA VAL C 52 4.13 7.44 -21.32
C VAL C 52 4.47 6.79 -19.98
N ASP C 53 4.71 5.48 -20.03
CA ASP C 53 5.07 4.71 -18.87
C ASP C 53 6.49 4.23 -19.17
N VAL C 54 7.44 4.72 -18.38
CA VAL C 54 8.85 4.41 -18.56
C VAL C 54 9.52 3.78 -17.33
N VAL C 55 10.52 2.93 -17.57
CA VAL C 55 11.31 2.28 -16.51
C VAL C 55 12.77 2.70 -16.72
N PHE C 56 13.32 3.44 -15.75
CA PHE C 56 14.70 3.92 -15.82
C PHE C 56 15.41 3.74 -14.49
N TRP C 57 16.73 3.90 -14.53
CA TRP C 57 17.56 3.81 -13.33
C TRP C 57 18.02 5.21 -12.99
N GLN C 58 17.49 5.77 -11.90
CA GLN C 58 17.86 7.13 -11.52
C GLN C 58 19.14 7.15 -10.71
N ARG C 59 20.27 7.31 -11.40
CA ARG C 59 21.56 7.37 -10.72
C ARG C 59 21.73 8.71 -10.03
N THR C 60 21.62 8.70 -8.70
CA THR C 60 21.74 9.91 -7.91
C THR C 60 23.00 9.83 -7.08
N THR C 61 23.74 10.95 -7.05
CA THR C 61 25.00 11.05 -6.32
C THR C 61 25.20 12.35 -5.58
N TRP C 62 25.74 12.22 -4.38
CA TRP C 62 26.02 13.36 -3.52
C TRP C 62 27.00 12.95 -2.45
N SER C 63 27.36 13.92 -1.62
CA SER C 63 28.31 13.69 -0.56
C SER C 63 27.78 14.11 0.81
N ASP C 64 28.18 13.39 1.84
CA ASP C 64 27.82 13.71 3.23
C ASP C 64 29.05 13.38 4.05
N ARG C 65 29.88 14.39 4.28
CA ARG C 65 31.13 14.28 5.04
C ARG C 65 30.95 13.70 6.44
N THR C 66 29.80 13.93 7.03
CA THR C 66 29.55 13.44 8.37
C THR C 66 29.57 11.92 8.40
N LEU C 67 29.47 11.29 7.22
CA LEU C 67 29.46 9.84 7.17
C LEU C 67 30.80 9.19 6.82
N ALA C 68 31.83 10.02 6.69
CA ALA C 68 33.17 9.52 6.35
C ALA C 68 33.81 8.72 7.48
N TRP C 69 34.83 7.93 7.14
CA TRP C 69 35.57 7.12 8.11
C TRP C 69 36.83 6.54 7.44
N ASP C 70 37.84 6.18 8.24
CA ASP C 70 39.08 5.63 7.69
C ASP C 70 38.93 4.16 7.25
N SER C 71 39.09 3.92 5.95
CA SER C 71 38.95 2.59 5.37
C SER C 71 40.29 1.89 5.12
N SER C 72 41.34 2.39 5.76
CA SER C 72 42.66 1.79 5.59
C SER C 72 42.60 0.29 5.82
N HIS C 73 42.15 -0.09 7.01
CA HIS C 73 42.05 -1.49 7.35
C HIS C 73 40.60 -1.90 7.59
N SER C 74 39.74 -1.58 6.63
CA SER C 74 38.32 -1.90 6.75
C SER C 74 37.60 -1.54 5.47
N PRO C 75 36.44 -2.16 5.22
CA PRO C 75 35.65 -1.90 4.01
C PRO C 75 35.51 -0.41 3.75
N ASP C 76 35.70 0.02 2.51
CA ASP C 76 35.58 1.44 2.16
C ASP C 76 34.25 1.71 1.46
N GLN C 77 33.39 0.71 1.48
CA GLN C 77 32.07 0.80 0.86
C GLN C 77 31.10 -0.20 1.46
N VAL C 78 29.90 0.28 1.77
CA VAL C 78 28.86 -0.57 2.36
C VAL C 78 27.48 -0.14 1.86
N SER C 79 26.54 -1.07 1.95
CA SER C 79 25.16 -0.81 1.53
C SER C 79 24.38 -0.38 2.76
N VAL C 80 23.61 0.69 2.61
CA VAL C 80 22.84 1.25 3.71
C VAL C 80 21.42 1.60 3.23
N PRO C 81 20.40 1.32 4.08
CA PRO C 81 19.00 1.61 3.77
C PRO C 81 18.83 3.11 3.62
N ILE C 82 18.23 3.53 2.51
CA ILE C 82 18.05 4.97 2.32
C ILE C 82 17.23 5.58 3.44
N SER C 83 16.58 4.75 4.25
CA SER C 83 15.82 5.31 5.32
C SER C 83 16.77 5.75 6.43
N SER C 84 17.96 5.16 6.49
CA SER C 84 18.91 5.57 7.52
C SER C 84 19.69 6.81 7.08
N LEU C 85 19.55 7.19 5.81
CA LEU C 85 20.30 8.34 5.30
C LEU C 85 19.48 9.57 4.89
N TRP C 86 20.16 10.69 4.67
CA TRP C 86 19.46 11.87 4.19
C TRP C 86 19.47 11.65 2.68
N VAL C 87 18.33 11.86 2.04
CA VAL C 87 18.27 11.66 0.61
C VAL C 87 17.70 12.90 -0.07
N PRO C 88 18.25 13.28 -1.23
CA PRO C 88 17.77 14.46 -1.96
C PRO C 88 16.27 14.28 -2.27
N ASP C 89 15.46 15.33 -2.08
CA ASP C 89 14.00 15.29 -2.32
C ASP C 89 13.58 15.53 -3.77
N LEU C 90 14.07 14.69 -4.67
CA LEU C 90 13.79 14.81 -6.09
C LEU C 90 12.33 14.53 -6.48
N ALA C 91 11.94 15.09 -7.61
CA ALA C 91 10.60 14.90 -8.11
C ALA C 91 10.66 15.14 -9.61
N ALA C 92 9.75 14.47 -10.31
CA ALA C 92 9.62 14.61 -11.75
C ALA C 92 8.51 15.63 -11.83
N TYR C 93 8.87 16.84 -12.23
CA TYR C 93 7.92 17.93 -12.31
C TYR C 93 6.80 17.63 -13.30
N ASN C 94 7.03 16.69 -14.23
CA ASN C 94 5.96 16.39 -15.17
C ASN C 94 5.43 14.97 -15.04
N ALA C 95 5.53 14.42 -13.83
CA ALA C 95 5.06 13.07 -13.57
C ALA C 95 3.57 13.05 -13.26
N ILE C 96 2.88 12.08 -13.82
CA ILE C 96 1.45 11.95 -13.57
C ILE C 96 1.15 10.73 -12.73
N SER C 97 2.17 10.19 -12.09
CA SER C 97 2.02 9.04 -11.22
C SER C 97 3.22 9.06 -10.29
N LYS C 98 3.04 8.59 -9.07
CA LYS C 98 4.13 8.57 -8.12
C LYS C 98 5.13 7.50 -8.55
N PRO C 99 6.43 7.77 -8.38
CA PRO C 99 7.49 6.85 -8.77
C PRO C 99 7.44 5.51 -8.07
N GLU C 100 7.56 4.44 -8.83
CA GLU C 100 7.52 3.10 -8.28
C GLU C 100 8.91 2.48 -8.25
N VAL C 101 9.54 2.51 -7.08
CA VAL C 101 10.85 1.93 -6.93
C VAL C 101 10.69 0.41 -7.03
N LEU C 102 11.25 -0.19 -8.07
CA LEU C 102 11.13 -1.64 -8.27
C LEU C 102 12.26 -2.47 -7.64
N THR C 103 13.33 -1.78 -7.21
CA THR C 103 14.47 -2.45 -6.60
C THR C 103 14.62 -2.15 -5.11
N PRO C 104 15.44 -2.93 -4.38
CA PRO C 104 15.67 -2.75 -2.94
C PRO C 104 16.15 -1.34 -2.68
N GLN C 105 15.53 -0.65 -1.73
CA GLN C 105 15.91 0.72 -1.47
C GLN C 105 17.18 0.90 -0.63
N LEU C 106 18.27 0.46 -1.23
CA LEU C 106 19.57 0.51 -0.62
C LEU C 106 20.47 1.50 -1.36
N ALA C 107 21.25 2.25 -0.59
CA ALA C 107 22.19 3.20 -1.18
C ALA C 107 23.57 2.61 -0.99
N ARG C 108 24.57 3.28 -1.53
CA ARG C 108 25.91 2.80 -1.42
C ARG C 108 26.77 3.91 -0.82
N VAL C 109 27.41 3.61 0.31
CA VAL C 109 28.23 4.59 1.02
C VAL C 109 29.72 4.29 1.00
N VAL C 110 30.50 5.27 0.57
CA VAL C 110 31.94 5.15 0.50
C VAL C 110 32.56 5.89 1.68
N SER C 111 33.65 5.34 2.20
CA SER C 111 34.33 5.92 3.35
C SER C 111 34.56 7.43 3.26
N ASP C 112 34.77 7.96 2.07
CA ASP C 112 34.99 9.40 1.93
C ASP C 112 33.71 10.22 2.15
N GLY C 113 32.56 9.54 2.16
CA GLY C 113 31.29 10.23 2.36
C GLY C 113 30.49 10.41 1.08
N GLU C 114 30.94 9.75 0.03
CA GLU C 114 30.26 9.82 -1.26
C GLU C 114 29.09 8.83 -1.27
N VAL C 115 27.88 9.39 -1.14
CA VAL C 115 26.69 8.57 -1.13
C VAL C 115 26.20 8.31 -2.55
N LEU C 116 25.80 7.06 -2.79
CA LEU C 116 25.29 6.69 -4.10
C LEU C 116 23.98 5.93 -3.97
N TYR C 117 22.99 6.35 -4.75
CA TYR C 117 21.68 5.72 -4.77
C TYR C 117 21.16 5.76 -6.20
N MET C 118 20.88 4.57 -6.75
CA MET C 118 20.40 4.46 -8.11
C MET C 118 19.33 3.36 -8.20
N PRO C 119 18.08 3.73 -7.94
CA PRO C 119 16.99 2.75 -8.00
C PRO C 119 16.33 2.62 -9.38
N SER C 120 15.68 1.49 -9.58
CA SER C 120 14.96 1.21 -10.81
C SER C 120 13.57 1.80 -10.55
N ILE C 121 13.14 2.72 -11.41
CA ILE C 121 11.85 3.37 -11.22
C ILE C 121 10.94 3.35 -12.42
N ARG C 122 9.73 2.84 -12.24
CA ARG C 122 8.75 2.81 -13.31
C ARG C 122 7.80 3.94 -13.02
N GLN C 123 7.61 4.83 -13.98
CA GLN C 123 6.73 5.96 -13.72
C GLN C 123 6.06 6.48 -15.00
N ARG C 124 4.99 7.28 -14.82
CA ARG C 124 4.26 7.85 -15.95
C ARG C 124 4.37 9.35 -15.94
N PHE C 125 4.72 9.92 -17.10
CA PHE C 125 4.89 11.36 -17.24
C PHE C 125 3.94 11.89 -18.29
N SER C 126 3.76 13.21 -18.28
CA SER C 126 2.93 13.92 -19.23
C SER C 126 3.92 14.58 -20.19
N CYS C 127 3.97 14.10 -21.43
CA CYS C 127 4.90 14.66 -22.39
C CYS C 127 4.51 14.46 -23.85
N ASP C 128 5.09 15.26 -24.74
CA ASP C 128 4.79 15.16 -26.15
C ASP C 128 5.24 13.82 -26.74
N VAL C 129 4.28 13.10 -27.31
CA VAL C 129 4.52 11.79 -27.90
C VAL C 129 4.32 11.83 -29.41
N SER C 130 3.93 13.00 -29.94
CA SER C 130 3.70 13.11 -31.37
C SER C 130 4.90 12.63 -32.19
N GLY C 131 4.62 11.85 -33.23
CA GLY C 131 5.66 11.34 -34.08
C GLY C 131 6.22 10.02 -33.60
N VAL C 132 5.71 9.58 -32.47
CA VAL C 132 6.19 8.32 -31.92
C VAL C 132 6.15 7.24 -32.98
N ASP C 133 5.20 7.33 -33.90
CA ASP C 133 5.09 6.31 -34.95
C ASP C 133 5.66 6.78 -36.29
N THR C 134 6.77 7.52 -36.25
CA THR C 134 7.41 8.00 -37.47
C THR C 134 8.90 7.78 -37.37
N GLU C 135 9.61 8.05 -38.45
CA GLU C 135 11.05 7.86 -38.45
C GLU C 135 11.74 8.90 -37.58
N SER C 136 11.18 10.10 -37.56
CA SER C 136 11.70 11.20 -36.77
C SER C 136 11.52 10.84 -35.28
N GLY C 137 10.47 10.07 -35.01
CA GLY C 137 10.17 9.65 -33.66
C GLY C 137 9.60 10.76 -32.81
N ALA C 138 9.37 10.46 -31.53
CA ALA C 138 8.82 11.45 -30.58
C ALA C 138 9.91 11.90 -29.60
N THR C 139 9.79 13.11 -29.08
CA THR C 139 10.76 13.63 -28.13
C THR C 139 10.05 13.96 -26.81
N CYS C 140 10.17 13.09 -25.83
CA CYS C 140 9.55 13.32 -24.53
C CYS C 140 10.58 13.91 -23.55
N ARG C 141 10.29 15.10 -23.02
CA ARG C 141 11.18 15.77 -22.07
C ARG C 141 10.65 15.64 -20.64
N ILE C 142 11.52 15.13 -19.77
CA ILE C 142 11.22 14.89 -18.36
C ILE C 142 12.18 15.68 -17.48
N LYS C 143 11.64 16.59 -16.67
CA LYS C 143 12.42 17.40 -15.76
C LYS C 143 12.42 16.77 -14.37
N ILE C 144 13.58 16.80 -13.72
CA ILE C 144 13.74 16.26 -12.37
C ILE C 144 14.64 17.18 -11.56
N GLY C 145 14.21 17.49 -10.35
CA GLY C 145 14.98 18.35 -9.47
C GLY C 145 14.38 18.35 -8.07
N SER C 146 15.03 19.01 -7.13
CA SER C 146 14.52 19.07 -5.76
C SER C 146 13.16 19.70 -5.81
N TRP C 147 12.36 19.42 -4.81
CA TRP C 147 11.03 19.97 -4.79
C TRP C 147 10.92 21.14 -3.84
N THR C 148 11.71 21.09 -2.77
CA THR C 148 11.67 22.15 -1.77
C THR C 148 12.96 22.93 -1.59
N HIS C 149 14.04 22.47 -2.22
CA HIS C 149 15.33 23.14 -2.08
C HIS C 149 15.76 23.93 -3.30
N HIS C 150 15.95 25.23 -3.12
CA HIS C 150 16.36 26.05 -4.24
C HIS C 150 17.86 25.96 -4.47
N SER C 151 18.31 26.59 -5.55
CA SER C 151 19.74 26.63 -5.96
C SER C 151 20.74 26.82 -4.83
N ARG C 152 20.42 27.66 -3.86
CA ARG C 152 21.30 27.92 -2.73
C ARG C 152 21.44 26.72 -1.79
N GLU C 153 20.43 25.86 -1.76
CA GLU C 153 20.39 24.67 -0.90
C GLU C 153 20.81 23.38 -1.62
N ILE C 154 20.42 23.26 -2.89
CA ILE C 154 20.74 22.09 -3.68
C ILE C 154 21.03 22.39 -5.16
N SER C 155 22.04 21.72 -5.71
CA SER C 155 22.40 21.90 -7.11
C SER C 155 22.30 20.54 -7.81
N VAL C 156 21.75 20.54 -9.02
CA VAL C 156 21.61 19.29 -9.77
C VAL C 156 22.31 19.34 -11.12
N ASP C 157 23.33 18.51 -11.27
CA ASP C 157 24.07 18.46 -12.52
C ASP C 157 24.06 17.05 -13.09
N PRO C 158 23.59 16.91 -14.33
CA PRO C 158 23.55 15.59 -14.96
C PRO C 158 24.94 14.97 -15.07
N THR C 159 25.14 13.84 -14.39
CA THR C 159 26.43 13.16 -14.43
C THR C 159 26.71 12.80 -15.86
N THR C 160 27.14 13.79 -16.62
CA THR C 160 27.43 13.59 -18.03
C THR C 160 28.43 12.48 -18.29
N GLU C 161 27.91 11.27 -18.53
CA GLU C 161 28.73 10.12 -18.85
C GLU C 161 28.42 9.72 -20.29
N ASN C 162 29.37 9.98 -21.19
CA ASN C 162 29.18 9.67 -22.59
C ASN C 162 28.96 8.16 -22.71
N SER C 163 27.70 7.77 -22.90
CA SER C 163 27.39 6.36 -23.04
C SER C 163 26.21 6.19 -23.97
N ASP C 164 26.07 5.00 -24.54
CA ASP C 164 24.97 4.72 -25.45
C ASP C 164 23.66 4.95 -24.72
N ASP C 165 22.87 5.89 -25.22
CA ASP C 165 21.58 6.24 -24.62
C ASP C 165 20.66 5.02 -24.44
N SER C 166 21.00 3.92 -25.10
CA SER C 166 20.22 2.68 -25.01
C SER C 166 21.10 1.51 -24.57
N GLU C 167 22.15 1.83 -23.83
CA GLU C 167 23.09 0.83 -23.33
C GLU C 167 22.37 -0.27 -22.58
N TYR C 168 21.40 0.11 -21.75
CA TYR C 168 20.64 -0.86 -20.95
C TYR C 168 19.14 -0.79 -21.22
N PHE C 169 18.76 -0.53 -22.47
CA PHE C 169 17.36 -0.45 -22.84
C PHE C 169 16.90 -1.79 -23.42
N SER C 170 15.86 -2.36 -22.83
CA SER C 170 15.32 -3.64 -23.27
C SER C 170 15.17 -3.72 -24.78
N GLN C 171 15.50 -4.89 -25.35
CA GLN C 171 15.41 -5.12 -26.79
C GLN C 171 14.00 -5.56 -27.22
N TYR C 172 13.23 -6.03 -26.25
CA TYR C 172 11.88 -6.53 -26.46
C TYR C 172 10.82 -5.46 -26.34
N SER C 173 11.26 -4.21 -26.28
CA SER C 173 10.35 -3.09 -26.16
C SER C 173 9.77 -2.76 -27.54
N ARG C 174 8.49 -2.37 -27.58
CA ARG C 174 7.87 -2.03 -28.85
C ARG C 174 8.44 -0.73 -29.39
N PHE C 175 9.26 -0.06 -28.59
CA PHE C 175 9.85 1.21 -29.04
C PHE C 175 11.36 1.12 -29.02
N GLU C 176 12.03 2.19 -29.44
CA GLU C 176 13.48 2.22 -29.46
C GLU C 176 13.96 3.65 -29.31
N ILE C 177 15.14 3.83 -28.73
CA ILE C 177 15.68 5.16 -28.52
C ILE C 177 16.48 5.66 -29.72
N LEU C 178 16.29 6.93 -30.06
CA LEU C 178 17.04 7.54 -31.15
C LEU C 178 18.19 8.28 -30.51
N ASP C 179 17.92 8.92 -29.38
CA ASP C 179 18.97 9.66 -28.69
C ASP C 179 18.41 10.30 -27.42
N VAL C 180 19.24 10.36 -26.38
CA VAL C 180 18.85 10.95 -25.12
C VAL C 180 19.88 12.02 -24.71
N THR C 181 19.36 13.15 -24.25
CA THR C 181 20.22 14.24 -23.85
C THR C 181 19.73 14.79 -22.54
N GLN C 182 20.67 15.01 -21.62
CA GLN C 182 20.32 15.51 -20.30
C GLN C 182 21.02 16.82 -20.00
N LYS C 183 20.24 17.90 -20.07
CA LYS C 183 20.76 19.24 -19.83
C LYS C 183 20.44 19.74 -18.43
N LYS C 184 21.33 20.58 -17.90
CA LYS C 184 21.11 21.15 -16.57
C LYS C 184 20.14 22.30 -16.76
N ASN C 185 19.28 22.55 -15.78
CA ASN C 185 18.32 23.65 -15.91
C ASN C 185 17.72 24.03 -14.57
N SER C 186 16.76 24.95 -14.60
CA SER C 186 16.10 25.41 -13.39
C SER C 186 14.77 26.06 -13.73
N VAL C 187 13.96 26.34 -12.70
CA VAL C 187 12.68 26.97 -12.91
C VAL C 187 12.40 27.90 -11.75
N THR C 188 11.42 28.79 -11.96
CA THR C 188 11.03 29.77 -10.96
C THR C 188 9.53 29.92 -10.97
N TYR C 189 8.98 30.59 -9.96
CA TYR C 189 7.55 30.78 -9.90
C TYR C 189 7.18 32.22 -9.50
N SER C 190 5.90 32.55 -9.57
CA SER C 190 5.41 33.89 -9.22
C SER C 190 4.99 33.91 -7.76
N CYS C 191 5.99 33.83 -6.88
CA CYS C 191 5.74 33.83 -5.44
C CYS C 191 7.00 34.12 -4.71
N CYS C 192 8.06 33.56 -5.29
CA CYS C 192 9.32 33.62 -4.66
C CYS C 192 10.42 33.79 -5.68
N PRO C 193 11.51 34.48 -5.30
CA PRO C 193 12.65 34.72 -6.17
C PRO C 193 13.57 33.53 -6.36
N GLU C 194 13.68 32.68 -5.34
CA GLU C 194 14.55 31.50 -5.42
C GLU C 194 14.20 30.57 -6.58
N ALA C 195 15.23 30.07 -7.25
CA ALA C 195 15.05 29.18 -8.39
C ALA C 195 15.50 27.76 -8.08
N TYR C 196 14.72 26.78 -8.52
CA TYR C 196 15.06 25.38 -8.26
C TYR C 196 15.74 24.68 -9.42
N GLU C 197 16.96 24.20 -9.22
CA GLU C 197 17.68 23.50 -10.29
C GLU C 197 17.06 22.15 -10.61
N ASP C 198 17.12 21.77 -11.88
CA ASP C 198 16.59 20.51 -12.35
C ASP C 198 17.44 19.92 -13.48
N VAL C 199 16.95 18.85 -14.08
CA VAL C 199 17.66 18.21 -15.17
C VAL C 199 16.60 17.91 -16.20
N GLU C 200 16.86 18.31 -17.45
CA GLU C 200 15.89 18.07 -18.53
C GLU C 200 16.35 16.93 -19.42
N VAL C 201 15.94 15.72 -19.07
CA VAL C 201 16.28 14.52 -19.83
C VAL C 201 15.36 14.45 -21.04
N SER C 202 15.89 14.82 -22.20
CA SER C 202 15.10 14.80 -23.40
C SER C 202 15.21 13.46 -24.10
N LEU C 203 14.12 12.70 -24.07
CA LEU C 203 14.07 11.38 -24.67
C LEU C 203 13.54 11.41 -26.09
N ASN C 204 14.23 10.73 -26.98
CA ASN C 204 13.83 10.68 -28.37
C ASN C 204 13.69 9.23 -28.78
N PHE C 205 12.45 8.82 -29.02
CA PHE C 205 12.19 7.44 -29.43
C PHE C 205 11.02 7.36 -30.42
N ARG C 206 10.87 6.19 -31.02
CA ARG C 206 9.82 5.91 -31.98
C ARG C 206 9.49 4.42 -31.92
N LYS C 207 8.28 4.05 -32.32
CA LYS C 207 7.89 2.65 -32.29
C LYS C 207 8.74 1.84 -33.27
N LYS C 208 9.29 0.73 -32.78
CA LYS C 208 10.10 -0.12 -33.62
C LYS C 208 9.28 -0.66 -34.77
N GLY C 209 9.48 -0.10 -35.96
CA GLY C 209 8.74 -0.56 -37.12
C GLY C 209 8.85 -2.07 -37.28
N ARG C 210 7.76 -2.69 -37.74
CA ARG C 210 7.68 -4.14 -37.93
C ARG C 210 7.98 -4.52 -39.38
N SER C 211 9.26 -4.72 -39.70
CA SER C 211 9.68 -5.09 -41.04
C SER C 211 10.37 -6.45 -41.04
N ALA D 4 24.61 32.11 14.72
CA ALA D 4 25.45 30.87 14.89
C ALA D 4 24.59 29.60 14.94
N ALA D 5 23.44 29.62 14.29
CA ALA D 5 22.53 28.46 14.26
C ALA D 5 22.42 27.85 12.87
N ASP D 6 22.72 26.56 12.77
CA ASP D 6 22.64 25.85 11.50
C ASP D 6 21.27 25.19 11.34
N ARG D 7 21.04 24.61 10.17
CA ARG D 7 19.79 23.97 9.84
C ARG D 7 19.43 22.86 10.81
N ALA D 8 20.44 22.16 11.31
CA ALA D 8 20.19 21.07 12.25
C ALA D 8 19.57 21.61 13.54
N ASP D 9 20.12 22.72 14.02
CA ASP D 9 19.66 23.36 15.24
C ASP D 9 18.23 23.87 15.13
N ILE D 10 17.91 24.33 13.94
CA ILE D 10 16.60 24.83 13.63
C ILE D 10 15.61 23.68 13.67
N LEU D 11 15.93 22.58 12.98
CA LEU D 11 15.05 21.42 12.94
C LEU D 11 14.73 20.91 14.31
N TYR D 12 15.78 20.75 15.10
CA TYR D 12 15.63 20.21 16.44
C TYR D 12 14.72 21.09 17.25
N ASN D 13 14.82 22.40 17.07
CA ASN D 13 13.97 23.29 17.82
C ASN D 13 12.50 23.09 17.46
N ILE D 14 12.23 22.80 16.18
CA ILE D 14 10.87 22.55 15.68
C ILE D 14 10.30 21.29 16.31
N ARG D 15 11.07 20.20 16.21
CA ARG D 15 10.69 18.92 16.78
C ARG D 15 10.35 19.12 18.25
N GLN D 16 11.24 19.80 18.96
CA GLN D 16 11.14 20.11 20.38
C GLN D 16 9.94 20.98 20.77
N THR D 17 9.36 21.71 19.81
CA THR D 17 8.24 22.59 20.15
C THR D 17 6.98 22.39 19.31
N SER D 18 7.08 21.64 18.22
CA SER D 18 5.94 21.37 17.35
C SER D 18 5.15 20.16 17.82
N ARG D 19 3.85 20.19 17.55
CA ARG D 19 2.96 19.09 17.92
C ARG D 19 2.15 18.67 16.70
N PRO D 20 2.63 17.65 15.97
CA PRO D 20 1.92 17.20 14.78
C PRO D 20 0.44 16.89 14.99
N ASP D 21 0.07 16.46 16.20
CA ASP D 21 -1.34 16.14 16.46
C ASP D 21 -2.11 17.19 17.24
N VAL D 22 -1.51 18.38 17.38
CA VAL D 22 -2.13 19.48 18.10
C VAL D 22 -2.24 20.71 17.20
N ILE D 23 -3.44 21.25 17.07
CA ILE D 23 -3.64 22.42 16.22
C ILE D 23 -3.11 23.67 16.92
N PRO D 24 -2.21 24.43 16.24
CA PRO D 24 -1.59 25.65 16.77
C PRO D 24 -2.54 26.85 16.91
N THR D 25 -3.50 26.72 17.82
CA THR D 25 -4.48 27.75 18.06
C THR D 25 -3.88 28.93 18.83
N GLN D 26 -3.78 30.09 18.17
CA GLN D 26 -3.23 31.29 18.80
C GLN D 26 -4.34 31.95 19.61
N ARG D 27 -4.09 32.13 20.90
CA ARG D 27 -5.06 32.70 21.82
C ARG D 27 -6.27 31.79 21.67
N ASP D 28 -7.31 32.23 20.96
CA ASP D 28 -8.45 31.37 20.74
C ASP D 28 -9.29 31.72 19.53
N ARG D 29 -8.62 32.26 18.51
CA ARG D 29 -9.24 32.60 17.26
C ARG D 29 -8.86 31.38 16.45
N PRO D 30 -9.48 31.17 15.28
CA PRO D 30 -9.14 29.99 14.47
C PRO D 30 -7.77 30.07 13.81
N VAL D 31 -7.31 28.96 13.26
CA VAL D 31 -6.04 29.01 12.56
C VAL D 31 -6.37 29.28 11.10
N ALA D 32 -5.80 30.37 10.58
CA ALA D 32 -6.02 30.78 9.20
C ALA D 32 -5.12 30.01 8.27
N VAL D 33 -5.76 29.18 7.44
CA VAL D 33 -5.05 28.36 6.47
C VAL D 33 -5.34 28.92 5.07
N SER D 34 -4.30 29.10 4.25
CA SER D 34 -4.48 29.58 2.89
C SER D 34 -4.25 28.43 1.92
N VAL D 35 -5.24 28.22 1.06
CA VAL D 35 -5.22 27.12 0.09
C VAL D 35 -5.48 27.58 -1.34
N SER D 36 -4.52 27.28 -2.22
CA SER D 36 -4.61 27.63 -3.61
C SER D 36 -4.06 26.52 -4.49
N LEU D 37 -4.86 26.11 -5.47
CA LEU D 37 -4.48 25.06 -6.39
C LEU D 37 -3.98 25.65 -7.68
N LYS D 38 -3.05 24.94 -8.29
CA LYS D 38 -2.51 25.35 -9.58
C LYS D 38 -2.57 24.09 -10.41
N PHE D 39 -3.56 24.04 -11.28
CA PHE D 39 -3.71 22.86 -12.10
C PHE D 39 -2.50 22.62 -12.99
N ILE D 40 -2.05 21.38 -13.02
CA ILE D 40 -0.89 21.03 -13.81
C ILE D 40 -1.30 20.17 -14.97
N ASN D 41 -2.39 19.44 -14.80
CA ASN D 41 -2.88 18.57 -15.86
C ASN D 41 -4.30 18.08 -15.62
N ILE D 42 -4.97 17.71 -16.71
CA ILE D 42 -6.33 17.18 -16.68
C ILE D 42 -6.25 15.93 -17.55
N LEU D 43 -6.34 14.75 -16.95
CA LEU D 43 -6.26 13.51 -17.71
C LEU D 43 -7.63 12.85 -17.86
N GLU D 44 -7.72 11.57 -17.52
CA GLU D 44 -8.97 10.83 -17.64
C GLU D 44 -10.19 11.74 -17.49
N VAL D 45 -11.09 11.69 -18.46
CA VAL D 45 -12.31 12.50 -18.42
C VAL D 45 -13.50 11.71 -18.94
N ASN D 46 -14.62 11.84 -18.26
CA ASN D 46 -15.79 11.10 -18.66
C ASN D 46 -17.06 11.93 -18.50
N GLU D 47 -17.62 12.38 -19.62
CA GLU D 47 -18.83 13.20 -19.57
C GLU D 47 -20.07 12.38 -19.23
N ILE D 48 -19.96 11.06 -19.37
CA ILE D 48 -21.06 10.14 -19.06
C ILE D 48 -21.19 9.92 -17.55
N THR D 49 -20.07 9.65 -16.90
CA THR D 49 -20.05 9.41 -15.47
C THR D 49 -19.79 10.69 -14.66
N ASN D 50 -19.45 11.77 -15.35
CA ASN D 50 -19.16 13.05 -14.72
C ASN D 50 -17.98 12.93 -13.78
N GLU D 51 -16.93 12.27 -14.25
CA GLU D 51 -15.74 12.08 -13.45
C GLU D 51 -14.49 12.61 -14.14
N VAL D 52 -13.66 13.30 -13.38
CA VAL D 52 -12.42 13.84 -13.93
C VAL D 52 -11.22 13.55 -13.08
N ASP D 53 -10.15 13.20 -13.76
CA ASP D 53 -8.89 12.90 -13.12
C ASP D 53 -8.06 14.17 -13.30
N VAL D 54 -7.49 14.66 -12.23
CA VAL D 54 -6.70 15.88 -12.31
C VAL D 54 -5.48 15.90 -11.41
N VAL D 55 -4.47 16.63 -11.87
CA VAL D 55 -3.21 16.81 -11.18
C VAL D 55 -3.08 18.32 -10.91
N PHE D 56 -2.77 18.64 -9.65
CA PHE D 56 -2.63 20.02 -9.23
C PHE D 56 -1.64 20.19 -8.10
N TRP D 57 -1.12 21.40 -7.98
CA TRP D 57 -0.20 21.69 -6.89
C TRP D 57 -1.07 22.41 -5.88
N GLN D 58 -1.25 21.79 -4.72
CA GLN D 58 -2.08 22.38 -3.69
C GLN D 58 -1.20 23.19 -2.76
N ARG D 59 -1.12 24.49 -3.02
CA ARG D 59 -0.32 25.38 -2.20
C ARG D 59 -1.05 25.66 -0.88
N THR D 60 -0.53 25.06 0.20
CA THR D 60 -1.12 25.20 1.54
C THR D 60 -0.20 25.98 2.47
N THR D 61 -0.73 27.02 3.11
CA THR D 61 0.07 27.86 4.01
C THR D 61 -0.64 28.28 5.29
N TRP D 62 0.10 28.29 6.40
CA TRP D 62 -0.42 28.68 7.72
C TRP D 62 0.75 29.10 8.60
N SER D 63 0.53 29.16 9.91
CA SER D 63 1.62 29.57 10.78
C SER D 63 1.59 29.07 12.21
N ASP D 64 2.77 28.74 12.72
CA ASP D 64 2.92 28.30 14.10
C ASP D 64 4.07 29.15 14.63
N ARG D 65 3.73 30.26 15.27
CA ARG D 65 4.73 31.19 15.81
C ARG D 65 5.67 30.58 16.84
N THR D 66 5.32 29.41 17.38
CA THR D 66 6.15 28.76 18.39
C THR D 66 7.36 28.07 17.78
N LEU D 67 7.53 28.29 16.47
CA LEU D 67 8.62 27.66 15.74
C LEU D 67 9.57 28.69 15.12
N ALA D 68 9.30 29.98 15.35
CA ALA D 68 10.13 31.03 14.79
C ALA D 68 11.47 31.16 15.46
N TRP D 69 12.48 31.57 14.69
CA TRP D 69 13.83 31.78 15.23
C TRP D 69 14.40 33.06 14.65
N ASP D 70 15.68 33.28 14.89
CA ASP D 70 16.36 34.48 14.40
C ASP D 70 17.20 34.16 13.15
N SER D 71 16.70 34.53 11.99
CA SER D 71 17.38 34.25 10.73
C SER D 71 18.39 35.30 10.27
N SER D 72 18.71 36.24 11.15
CA SER D 72 19.66 37.30 10.85
C SER D 72 21.00 36.71 10.40
N HIS D 73 21.49 35.71 11.13
CA HIS D 73 22.76 35.08 10.76
C HIS D 73 22.56 33.58 10.82
N SER D 74 21.40 33.15 10.31
CA SER D 74 21.03 31.75 10.28
C SER D 74 20.09 31.60 9.12
N PRO D 75 20.01 30.38 8.55
CA PRO D 75 19.10 30.16 7.42
C PRO D 75 17.68 30.60 7.78
N ASP D 76 17.01 31.28 6.85
CA ASP D 76 15.66 31.77 7.10
C ASP D 76 14.54 30.79 6.80
N GLN D 77 14.91 29.68 6.17
CA GLN D 77 13.96 28.63 5.83
C GLN D 77 14.63 27.27 5.90
N VAL D 78 13.81 26.24 6.04
CA VAL D 78 14.29 24.87 6.09
C VAL D 78 13.13 23.95 5.70
N SER D 79 13.47 22.80 5.13
CA SER D 79 12.47 21.83 4.74
C SER D 79 12.38 20.90 5.91
N VAL D 80 11.16 20.51 6.23
CA VAL D 80 10.92 19.66 7.37
C VAL D 80 9.88 18.64 7.00
N PRO D 81 10.11 17.36 7.35
CA PRO D 81 9.15 16.29 7.04
C PRO D 81 7.80 16.69 7.64
N ILE D 82 6.74 16.60 6.86
CA ILE D 82 5.44 17.01 7.37
C ILE D 82 4.97 16.21 8.57
N SER D 83 5.58 15.05 8.79
CA SER D 83 5.23 14.17 9.90
C SER D 83 5.69 14.77 11.22
N SER D 84 6.66 15.67 11.16
CA SER D 84 7.13 16.32 12.38
C SER D 84 6.31 17.60 12.61
N LEU D 85 5.50 17.98 11.62
CA LEU D 85 4.72 19.19 11.76
C LEU D 85 3.22 18.98 11.80
N TRP D 86 2.50 19.97 12.34
CA TRP D 86 1.05 19.90 12.36
C TRP D 86 0.65 20.41 10.99
N VAL D 87 -0.18 19.63 10.31
CA VAL D 87 -0.65 19.94 8.98
C VAL D 87 -2.16 19.89 8.97
N PRO D 88 -2.82 20.95 8.49
CA PRO D 88 -4.29 21.07 8.41
C PRO D 88 -4.89 19.80 7.81
N ASP D 89 -5.98 19.31 8.39
CA ASP D 89 -6.61 18.10 7.88
C ASP D 89 -7.53 18.44 6.71
N LEU D 90 -6.97 19.06 5.67
CA LEU D 90 -7.74 19.43 4.49
C LEU D 90 -8.18 18.16 3.75
N ALA D 91 -9.35 18.24 3.11
CA ALA D 91 -9.91 17.13 2.33
C ALA D 91 -10.76 17.64 1.17
N ALA D 92 -10.75 16.91 0.06
CA ALA D 92 -11.56 17.29 -1.09
C ALA D 92 -12.94 16.64 -0.88
N TYR D 93 -13.93 17.47 -0.60
CA TYR D 93 -15.27 16.98 -0.37
C TYR D 93 -15.86 16.17 -1.51
N ASN D 94 -15.63 16.57 -2.75
CA ASN D 94 -16.21 15.78 -3.84
C ASN D 94 -15.25 14.83 -4.55
N ALA D 95 -14.14 14.50 -3.90
CA ALA D 95 -13.17 13.56 -4.45
C ALA D 95 -13.77 12.16 -4.34
N ILE D 96 -13.44 11.29 -5.27
CA ILE D 96 -13.94 9.93 -5.22
C ILE D 96 -12.78 8.95 -5.17
N SER D 97 -11.59 9.48 -4.88
CA SER D 97 -10.41 8.63 -4.73
C SER D 97 -9.45 9.33 -3.78
N LYS D 98 -8.66 8.56 -3.03
CA LYS D 98 -7.70 9.16 -2.14
C LYS D 98 -6.72 9.98 -2.94
N PRO D 99 -6.19 11.06 -2.36
CA PRO D 99 -5.21 11.88 -3.11
C PRO D 99 -3.89 11.12 -3.30
N GLU D 100 -3.33 11.17 -4.50
CA GLU D 100 -2.05 10.50 -4.74
C GLU D 100 -0.97 11.58 -4.64
N VAL D 101 -0.16 11.56 -3.59
CA VAL D 101 0.88 12.56 -3.46
C VAL D 101 2.10 12.08 -4.25
N LEU D 102 2.34 12.80 -5.34
CA LEU D 102 3.39 12.52 -6.30
C LEU D 102 4.76 13.11 -5.93
N THR D 103 4.79 13.98 -4.93
CA THR D 103 6.03 14.63 -4.53
C THR D 103 6.44 14.37 -3.07
N PRO D 104 7.73 14.54 -2.76
CA PRO D 104 8.24 14.33 -1.40
C PRO D 104 7.37 15.10 -0.41
N GLN D 105 6.88 14.42 0.61
CA GLN D 105 6.04 15.07 1.59
C GLN D 105 6.87 15.88 2.58
N LEU D 106 7.55 16.87 2.02
CA LEU D 106 8.39 17.77 2.78
C LEU D 106 7.73 19.14 2.84
N ALA D 107 7.81 19.80 3.99
CA ALA D 107 7.21 21.12 4.13
C ALA D 107 8.33 22.13 4.20
N ARG D 108 7.94 23.38 4.30
CA ARG D 108 8.92 24.45 4.36
C ARG D 108 8.54 25.36 5.52
N VAL D 109 9.42 25.46 6.50
CA VAL D 109 9.15 26.29 7.65
C VAL D 109 9.98 27.58 7.57
N VAL D 110 9.35 28.73 7.79
CA VAL D 110 10.07 30.01 7.74
C VAL D 110 10.36 30.55 9.13
N SER D 111 11.51 31.19 9.30
CA SER D 111 11.90 31.72 10.60
C SER D 111 10.86 32.56 11.31
N ASP D 112 9.85 33.07 10.59
CA ASP D 112 8.80 33.87 11.22
C ASP D 112 7.61 33.02 11.68
N GLY D 113 7.78 31.70 11.66
CA GLY D 113 6.71 30.82 12.08
C GLY D 113 5.78 30.40 10.95
N GLU D 114 6.02 30.94 9.77
CA GLU D 114 5.18 30.59 8.64
C GLU D 114 5.56 29.20 8.18
N VAL D 115 4.55 28.43 7.83
CA VAL D 115 4.75 27.07 7.37
C VAL D 115 4.11 26.95 5.98
N LEU D 116 4.81 26.27 5.08
CA LEU D 116 4.33 26.11 3.72
C LEU D 116 4.43 24.68 3.24
N TYR D 117 3.34 24.17 2.68
CA TYR D 117 3.31 22.81 2.14
C TYR D 117 2.64 22.86 0.78
N MET D 118 3.35 22.47 -0.26
CA MET D 118 2.80 22.51 -1.59
C MET D 118 3.08 21.25 -2.38
N PRO D 119 2.30 20.20 -2.10
CA PRO D 119 2.48 18.91 -2.79
C PRO D 119 1.74 18.85 -4.13
N SER D 120 2.22 17.98 -5.01
CA SER D 120 1.57 17.78 -6.27
C SER D 120 0.63 16.58 -6.06
N ILE D 121 -0.66 16.79 -6.32
CA ILE D 121 -1.66 15.75 -6.12
C ILE D 121 -2.49 15.34 -7.35
N ARG D 122 -2.62 14.04 -7.57
CA ARG D 122 -3.45 13.51 -8.64
C ARG D 122 -4.63 12.88 -7.90
N GLN D 123 -5.85 13.20 -8.31
CA GLN D 123 -7.03 12.69 -7.61
C GLN D 123 -8.25 12.75 -8.55
N ARG D 124 -9.15 11.77 -8.43
CA ARG D 124 -10.33 11.72 -9.27
CA ARG D 124 -10.33 11.78 -9.31
C ARG D 124 -11.41 12.61 -8.64
N PHE D 125 -12.29 13.19 -9.45
CA PHE D 125 -13.35 14.03 -8.90
C PHE D 125 -14.69 13.78 -9.56
N SER D 126 -15.74 14.04 -8.78
CA SER D 126 -17.12 13.89 -9.24
C SER D 126 -17.69 15.29 -9.38
N CYS D 127 -17.70 15.81 -10.61
CA CYS D 127 -18.19 17.14 -10.83
C CYS D 127 -18.83 17.24 -12.20
N ASP D 128 -19.41 18.41 -12.49
CA ASP D 128 -20.06 18.66 -13.78
C ASP D 128 -19.02 18.60 -14.88
N VAL D 129 -19.11 17.59 -15.74
CA VAL D 129 -18.16 17.45 -16.85
C VAL D 129 -18.81 17.78 -18.20
N SER D 130 -20.13 17.88 -18.23
CA SER D 130 -20.87 18.20 -19.44
C SER D 130 -20.37 19.47 -20.11
N GLY D 131 -20.31 19.47 -21.43
CA GLY D 131 -19.86 20.65 -22.17
C GLY D 131 -18.36 20.67 -22.40
N VAL D 132 -17.66 19.69 -21.84
CA VAL D 132 -16.22 19.61 -21.98
C VAL D 132 -15.80 19.69 -23.46
N ASP D 133 -16.70 19.22 -24.33
CA ASP D 133 -16.45 19.20 -25.77
C ASP D 133 -17.18 20.31 -26.52
N THR D 134 -17.55 21.37 -25.81
CA THR D 134 -18.21 22.50 -26.44
C THR D 134 -17.26 23.66 -26.36
N GLU D 135 -17.66 24.81 -26.88
CA GLU D 135 -16.80 25.99 -26.85
C GLU D 135 -16.78 26.58 -25.45
N SER D 136 -17.93 26.57 -24.78
CA SER D 136 -18.04 27.12 -23.44
C SER D 136 -17.37 26.19 -22.43
N GLY D 137 -17.10 24.96 -22.88
CA GLY D 137 -16.46 23.96 -22.04
C GLY D 137 -17.28 23.53 -20.85
N ALA D 138 -16.63 22.93 -19.87
CA ALA D 138 -17.29 22.47 -18.66
C ALA D 138 -16.75 23.22 -17.44
N THR D 139 -17.50 23.20 -16.36
CA THR D 139 -17.05 23.83 -15.14
C THR D 139 -17.16 22.82 -14.00
N CYS D 140 -15.99 22.41 -13.53
CA CYS D 140 -15.88 21.44 -12.45
C CYS D 140 -15.52 22.16 -11.16
N ARG D 141 -16.37 22.04 -10.15
CA ARG D 141 -16.12 22.68 -8.86
C ARG D 141 -15.58 21.67 -7.84
N ILE D 142 -14.43 22.01 -7.27
CA ILE D 142 -13.78 21.18 -6.27
C ILE D 142 -13.80 21.93 -4.95
N LYS D 143 -14.40 21.31 -3.92
CA LYS D 143 -14.49 21.90 -2.59
C LYS D 143 -13.45 21.29 -1.68
N ILE D 144 -12.53 22.10 -1.18
CA ILE D 144 -11.50 21.62 -0.28
C ILE D 144 -11.51 22.43 1.00
N GLY D 145 -11.52 21.74 2.14
CA GLY D 145 -11.52 22.43 3.43
C GLY D 145 -11.28 21.41 4.51
N SER D 146 -11.20 21.86 5.76
CA SER D 146 -10.98 20.95 6.88
C SER D 146 -12.06 19.90 6.94
N TRP D 147 -11.72 18.77 7.54
CA TRP D 147 -12.67 17.68 7.68
C TRP D 147 -13.25 17.59 9.09
N THR D 148 -12.42 17.82 10.09
CA THR D 148 -12.90 17.75 11.45
C THR D 148 -12.92 19.09 12.18
N HIS D 149 -12.11 20.03 11.71
CA HIS D 149 -12.03 21.35 12.33
C HIS D 149 -12.98 22.39 11.73
N HIS D 150 -13.92 22.86 12.53
CA HIS D 150 -14.88 23.84 12.09
C HIS D 150 -14.31 25.26 12.13
N SER D 151 -15.08 26.20 11.58
CA SER D 151 -14.67 27.60 11.48
C SER D 151 -13.98 28.22 12.70
N ARG D 152 -14.53 28.00 13.90
CA ARG D 152 -13.94 28.57 15.10
C ARG D 152 -12.50 28.09 15.32
N GLU D 153 -12.14 26.96 14.70
CA GLU D 153 -10.81 26.39 14.86
C GLU D 153 -9.95 26.51 13.62
N ILE D 154 -10.57 26.46 12.45
CA ILE D 154 -9.83 26.57 11.20
C ILE D 154 -10.58 27.39 10.18
N SER D 155 -9.86 28.23 9.45
CA SER D 155 -10.48 29.05 8.44
C SER D 155 -9.65 28.97 7.17
N VAL D 156 -10.33 28.98 6.02
CA VAL D 156 -9.67 28.90 4.73
C VAL D 156 -9.96 30.11 3.85
N ASP D 157 -9.00 30.45 2.99
CA ASP D 157 -9.16 31.58 2.08
C ASP D 157 -8.25 31.37 0.87
N PRO D 158 -8.80 31.58 -0.33
CA PRO D 158 -8.01 31.40 -1.55
C PRO D 158 -6.92 32.46 -1.68
N THR D 159 -5.80 32.07 -2.25
CA THR D 159 -4.68 32.98 -2.46
C THR D 159 -4.90 33.72 -3.76
N THR D 160 -5.79 34.72 -3.72
CA THR D 160 -6.12 35.49 -4.91
C THR D 160 -4.94 36.23 -5.56
N GLU D 161 -3.71 35.91 -5.15
CA GLU D 161 -2.55 36.57 -5.73
C GLU D 161 -2.61 36.37 -7.25
N ASN D 162 -2.07 37.31 -7.99
CA ASN D 162 -2.07 37.23 -9.45
C ASN D 162 -1.25 36.04 -9.96
N SER D 163 -1.83 35.34 -10.92
CA SER D 163 -1.17 34.19 -11.52
C SER D 163 -2.13 33.59 -12.53
N ASP D 164 -1.72 33.57 -13.79
CA ASP D 164 -2.52 33.02 -14.86
C ASP D 164 -3.14 31.70 -14.46
N ASP D 165 -4.33 31.44 -14.99
CA ASP D 165 -5.06 30.20 -14.70
C ASP D 165 -4.20 28.97 -15.01
N SER D 166 -3.74 28.87 -16.24
CA SER D 166 -2.91 27.74 -16.66
C SER D 166 -1.43 28.10 -16.75
N GLU D 167 -0.95 28.78 -15.72
CA GLU D 167 0.46 29.18 -15.67
C GLU D 167 1.38 27.98 -15.62
N TYR D 168 0.94 26.91 -14.96
CA TYR D 168 1.75 25.70 -14.83
C TYR D 168 1.07 24.50 -15.47
N PHE D 169 -0.03 24.74 -16.18
CA PHE D 169 -0.78 23.68 -16.85
C PHE D 169 0.01 23.04 -17.97
N SER D 170 -0.09 21.72 -18.09
CA SER D 170 0.61 20.97 -19.13
C SER D 170 0.13 21.37 -20.53
N GLN D 171 1.08 21.54 -21.45
CA GLN D 171 0.76 21.91 -22.82
C GLN D 171 0.36 20.67 -23.63
N TYR D 172 0.93 19.53 -23.25
CA TYR D 172 0.67 18.26 -23.92
C TYR D 172 -0.63 17.58 -23.43
N SER D 173 -1.45 18.34 -22.71
CA SER D 173 -2.71 17.84 -22.20
C SER D 173 -3.78 17.90 -23.30
N ARG D 174 -4.70 16.94 -23.28
CA ARG D 174 -5.78 16.90 -24.27
C ARG D 174 -6.76 18.04 -24.09
N PHE D 175 -6.62 18.78 -22.99
CA PHE D 175 -7.53 19.88 -22.70
C PHE D 175 -6.83 21.21 -22.41
N GLU D 176 -7.64 22.25 -22.19
CA GLU D 176 -7.11 23.57 -21.90
C GLU D 176 -7.92 24.27 -20.83
N ILE D 177 -7.29 25.19 -20.09
CA ILE D 177 -8.01 25.91 -19.05
C ILE D 177 -8.55 27.24 -19.57
N LEU D 178 -9.86 27.42 -19.49
CA LEU D 178 -10.45 28.66 -19.95
C LEU D 178 -10.28 29.72 -18.86
N ASP D 179 -10.69 29.38 -17.64
CA ASP D 179 -10.60 30.30 -16.51
C ASP D 179 -10.74 29.57 -15.16
N VAL D 180 -10.05 30.08 -14.15
CA VAL D 180 -10.11 29.49 -12.81
C VAL D 180 -10.58 30.55 -11.80
N THR D 181 -11.46 30.13 -10.90
CA THR D 181 -11.98 31.03 -9.89
C THR D 181 -12.08 30.31 -8.55
N GLN D 182 -11.21 30.72 -7.63
CA GLN D 182 -11.17 30.12 -6.31
C GLN D 182 -11.92 30.98 -5.30
N LYS D 183 -13.14 30.57 -4.96
CA LYS D 183 -13.97 31.30 -4.00
C LYS D 183 -13.99 30.64 -2.63
N LYS D 184 -14.33 31.40 -1.60
CA LYS D 184 -14.41 30.86 -0.27
C LYS D 184 -15.86 30.49 -0.03
N ASN D 185 -16.09 29.45 0.77
CA ASN D 185 -17.47 29.05 1.03
C ASN D 185 -17.57 28.35 2.38
N SER D 186 -18.80 28.18 2.85
CA SER D 186 -19.03 27.52 4.13
C SER D 186 -19.89 26.27 3.93
N VAL D 187 -19.78 25.32 4.85
CA VAL D 187 -20.53 24.07 4.77
C VAL D 187 -20.97 23.62 6.16
N THR D 188 -22.28 23.59 6.37
CA THR D 188 -22.84 23.16 7.64
C THR D 188 -23.65 21.91 7.35
N TYR D 189 -24.12 21.23 8.39
CA TYR D 189 -24.89 20.02 8.17
C TYR D 189 -26.09 19.95 9.08
N SER D 190 -27.11 19.23 8.63
CA SER D 190 -28.33 19.08 9.41
C SER D 190 -28.06 18.09 10.55
N CYS D 191 -27.49 18.63 11.62
CA CYS D 191 -27.13 17.83 12.80
C CYS D 191 -26.40 18.68 13.79
N CYS D 192 -25.40 19.33 13.25
CA CYS D 192 -24.47 20.10 13.99
C CYS D 192 -24.45 21.58 13.59
N PRO D 193 -24.27 22.46 14.58
CA PRO D 193 -24.24 23.92 14.42
C PRO D 193 -23.05 24.51 13.69
N GLU D 194 -21.86 24.41 14.30
CA GLU D 194 -20.64 24.94 13.71
C GLU D 194 -20.54 24.64 12.22
N ALA D 195 -20.05 25.61 11.47
CA ALA D 195 -19.90 25.43 10.03
C ALA D 195 -18.45 25.18 9.69
N TYR D 196 -18.22 24.47 8.57
CA TYR D 196 -16.88 24.14 8.12
C TYR D 196 -16.50 24.96 6.87
N GLU D 197 -15.50 25.84 7.03
CA GLU D 197 -15.05 26.68 5.93
C GLU D 197 -14.32 25.87 4.87
N ASP D 198 -14.49 26.24 3.62
CA ASP D 198 -13.85 25.55 2.51
C ASP D 198 -13.60 26.53 1.37
N VAL D 199 -12.84 26.09 0.38
CA VAL D 199 -12.59 26.92 -0.79
C VAL D 199 -13.13 26.17 -1.99
N GLU D 200 -14.11 26.77 -2.65
CA GLU D 200 -14.71 26.15 -3.82
C GLU D 200 -13.93 26.60 -5.05
N VAL D 201 -13.17 25.68 -5.63
CA VAL D 201 -12.39 25.98 -6.81
C VAL D 201 -13.16 25.53 -8.05
N SER D 202 -13.42 26.47 -8.95
CA SER D 202 -14.15 26.18 -10.18
C SER D 202 -13.18 26.19 -11.34
N LEU D 203 -13.03 25.04 -11.98
CA LEU D 203 -12.13 24.91 -13.11
C LEU D 203 -12.92 24.83 -14.41
N ASN D 204 -12.86 25.88 -15.23
CA ASN D 204 -13.55 25.90 -16.52
C ASN D 204 -12.53 25.40 -17.55
N PHE D 205 -12.79 24.24 -18.12
CA PHE D 205 -11.88 23.66 -19.11
C PHE D 205 -12.66 23.05 -20.27
N ARG D 206 -11.98 22.84 -21.38
CA ARG D 206 -12.62 22.26 -22.54
C ARG D 206 -11.62 21.43 -23.33
N LYS D 207 -12.12 20.61 -24.24
CA LYS D 207 -11.27 19.76 -25.07
C LYS D 207 -10.77 20.52 -26.30
N LYS D 208 -9.46 20.67 -26.37
CA LYS D 208 -8.85 21.36 -27.49
C LYS D 208 -9.24 20.71 -28.80
N GLY D 209 -9.77 21.51 -29.72
CA GLY D 209 -10.18 21.01 -31.02
C GLY D 209 -9.20 21.42 -32.11
N ARG D 210 -8.68 20.43 -32.84
CA ARG D 210 -7.73 20.64 -33.93
C ARG D 210 -8.28 21.72 -34.89
N SER D 211 -7.85 22.97 -34.71
CA SER D 211 -8.30 24.11 -35.52
C SER D 211 -9.82 24.20 -35.59
N ALA E 4 -8.34 24.79 34.13
CA ALA E 4 -7.85 25.45 32.88
C ALA E 4 -6.73 24.63 32.21
N ALA E 5 -6.75 24.59 30.89
CA ALA E 5 -5.74 23.84 30.12
C ALA E 5 -5.91 24.04 28.61
N ASP E 6 -4.83 23.83 27.87
CA ASP E 6 -4.87 23.99 26.42
C ASP E 6 -5.16 22.67 25.71
N ARG E 7 -5.32 22.74 24.38
CA ARG E 7 -5.61 21.55 23.61
C ARG E 7 -4.50 20.51 23.76
N ALA E 8 -3.27 20.96 24.00
CA ALA E 8 -2.14 20.05 24.16
C ALA E 8 -2.29 19.24 25.43
N ASP E 9 -2.85 19.87 26.47
CA ASP E 9 -3.06 19.17 27.72
C ASP E 9 -4.13 18.13 27.53
N ILE E 10 -5.21 18.53 26.86
CA ILE E 10 -6.31 17.60 26.62
C ILE E 10 -5.82 16.33 25.95
N LEU E 11 -5.18 16.48 24.79
CA LEU E 11 -4.66 15.34 24.04
C LEU E 11 -3.67 14.54 24.87
N TYR E 12 -2.74 15.24 25.49
CA TYR E 12 -1.73 14.60 26.32
C TYR E 12 -2.37 13.60 27.28
N ASN E 13 -3.46 14.03 27.91
CA ASN E 13 -4.18 13.19 28.87
C ASN E 13 -4.98 12.09 28.20
N ILE E 14 -5.48 12.38 27.02
CA ILE E 14 -6.24 11.41 26.26
C ILE E 14 -5.32 10.20 26.07
N ARG E 15 -4.12 10.46 25.59
CA ARG E 15 -3.12 9.40 25.34
C ARG E 15 -2.55 8.85 26.64
N GLN E 16 -2.92 9.43 27.76
CA GLN E 16 -2.43 8.96 29.05
C GLN E 16 -3.38 7.92 29.62
N THR E 17 -4.64 7.97 29.19
CA THR E 17 -5.62 7.03 29.71
C THR E 17 -6.35 6.21 28.64
N SER E 18 -6.16 6.55 27.37
CA SER E 18 -6.83 5.83 26.30
C SER E 18 -6.14 4.51 25.98
N ARG E 19 -6.95 3.45 25.93
CA ARG E 19 -6.47 2.11 25.61
C ARG E 19 -7.12 1.75 24.29
N PRO E 20 -6.51 2.18 23.18
CA PRO E 20 -7.05 1.90 21.84
C PRO E 20 -7.32 0.44 21.53
N ASP E 21 -6.66 -0.46 22.26
CA ASP E 21 -6.86 -1.89 22.04
C ASP E 21 -7.83 -2.50 23.04
N VAL E 22 -8.52 -1.66 23.80
CA VAL E 22 -9.47 -2.13 24.81
C VAL E 22 -10.84 -1.50 24.69
N ILE E 23 -11.87 -2.32 24.64
CA ILE E 23 -13.19 -1.77 24.54
C ILE E 23 -13.60 -1.14 25.87
N PRO E 24 -14.08 0.11 25.83
CA PRO E 24 -14.49 0.80 27.04
C PRO E 24 -15.91 0.49 27.46
N THR E 25 -16.10 -0.73 27.96
CA THR E 25 -17.40 -1.19 28.42
C THR E 25 -17.74 -0.62 29.79
N GLN E 26 -18.59 0.40 29.80
CA GLN E 26 -18.99 1.01 31.07
C GLN E 26 -19.67 -0.09 31.88
N ARG E 27 -19.24 -0.23 33.13
CA ARG E 27 -19.73 -1.26 34.04
C ARG E 27 -19.42 -2.57 33.33
N ASP E 28 -20.42 -3.43 33.17
CA ASP E 28 -20.18 -4.68 32.50
C ASP E 28 -21.17 -4.80 31.36
N ARG E 29 -21.60 -3.65 30.84
CA ARG E 29 -22.54 -3.63 29.75
C ARG E 29 -21.89 -3.28 28.42
N PRO E 30 -22.46 -3.79 27.31
CA PRO E 30 -21.93 -3.54 25.97
C PRO E 30 -21.78 -2.08 25.62
N VAL E 31 -20.89 -1.79 24.69
CA VAL E 31 -20.69 -0.42 24.27
C VAL E 31 -21.72 -0.09 23.22
N ALA E 32 -22.34 1.07 23.35
CA ALA E 32 -23.34 1.46 22.39
C ALA E 32 -22.69 2.23 21.26
N VAL E 33 -22.66 1.61 20.08
CA VAL E 33 -22.08 2.23 18.90
C VAL E 33 -23.20 2.63 17.91
N SER E 34 -23.33 3.92 17.65
CA SER E 34 -24.33 4.41 16.71
C SER E 34 -23.74 4.53 15.31
N VAL E 35 -24.34 3.84 14.34
CA VAL E 35 -23.86 3.89 12.96
C VAL E 35 -24.93 4.29 11.95
N SER E 36 -24.59 5.27 11.12
CA SER E 36 -25.49 5.78 10.10
C SER E 36 -24.73 6.14 8.82
N LEU E 37 -25.23 5.72 7.66
CA LEU E 37 -24.55 6.03 6.39
C LEU E 37 -25.16 7.23 5.69
N LYS E 38 -24.30 8.10 5.17
CA LYS E 38 -24.77 9.30 4.46
C LYS E 38 -24.24 9.22 3.02
N PHE E 39 -25.00 8.59 2.13
CA PHE E 39 -24.56 8.41 0.75
C PHE E 39 -24.09 9.64 -0.03
N ILE E 40 -22.97 9.49 -0.73
CA ILE E 40 -22.42 10.60 -1.47
C ILE E 40 -22.44 10.32 -2.96
N ASN E 41 -22.18 9.07 -3.34
CA ASN E 41 -22.17 8.74 -4.74
C ASN E 41 -22.37 7.28 -5.05
N ILE E 42 -22.79 7.02 -6.29
CA ILE E 42 -23.00 5.69 -6.81
C ILE E 42 -22.22 5.64 -8.10
N LEU E 43 -20.99 5.14 -8.02
CA LEU E 43 -20.10 5.10 -9.17
C LEU E 43 -20.29 3.95 -10.16
N GLU E 44 -19.64 2.83 -9.88
CA GLU E 44 -19.70 1.65 -10.74
C GLU E 44 -20.93 0.84 -10.36
N VAL E 45 -21.58 0.23 -11.35
CA VAL E 45 -22.76 -0.58 -11.09
C VAL E 45 -22.80 -1.65 -12.17
N ASN E 46 -22.97 -2.91 -11.75
CA ASN E 46 -23.00 -4.01 -12.70
C ASN E 46 -24.16 -4.91 -12.34
N GLU E 47 -25.26 -4.76 -13.08
CA GLU E 47 -26.45 -5.56 -12.83
C GLU E 47 -26.28 -7.02 -13.14
N ILE E 48 -25.21 -7.36 -13.84
CA ILE E 48 -24.95 -8.74 -14.18
C ILE E 48 -24.16 -9.42 -13.06
N THR E 49 -23.18 -8.72 -12.50
CA THR E 49 -22.39 -9.28 -11.41
C THR E 49 -22.91 -8.92 -10.01
N ASN E 50 -23.97 -8.12 -9.98
CA ASN E 50 -24.59 -7.67 -8.73
C ASN E 50 -23.61 -7.03 -7.76
N GLU E 51 -22.81 -6.13 -8.30
CA GLU E 51 -21.79 -5.41 -7.54
C GLU E 51 -21.94 -3.91 -7.74
N VAL E 52 -21.65 -3.16 -6.69
CA VAL E 52 -21.73 -1.72 -6.78
C VAL E 52 -20.55 -1.05 -6.12
N ASP E 53 -20.25 0.16 -6.57
CA ASP E 53 -19.16 0.94 -6.01
C ASP E 53 -19.86 2.12 -5.35
N VAL E 54 -19.76 2.21 -4.03
CA VAL E 54 -20.40 3.29 -3.32
C VAL E 54 -19.44 4.13 -2.49
N VAL E 55 -19.78 5.41 -2.36
CA VAL E 55 -19.03 6.35 -1.57
C VAL E 55 -20.05 6.92 -0.58
N PHE E 56 -19.68 6.88 0.69
CA PHE E 56 -20.56 7.36 1.72
C PHE E 56 -19.76 7.81 2.93
N TRP E 57 -20.46 8.54 3.80
CA TRP E 57 -19.89 9.03 5.04
C TRP E 57 -20.47 8.15 6.14
N GLN E 58 -19.61 7.36 6.78
CA GLN E 58 -20.04 6.47 7.83
C GLN E 58 -19.95 7.20 9.15
N ARG E 59 -21.05 7.84 9.52
CA ARG E 59 -21.14 8.58 10.77
C ARG E 59 -21.16 7.57 11.89
N THR E 60 -20.02 7.43 12.57
CA THR E 60 -19.86 6.48 13.67
C THR E 60 -19.78 7.24 14.99
N THR E 61 -20.57 6.78 15.96
CA THR E 61 -20.64 7.43 17.24
C THR E 61 -20.67 6.43 18.40
N TRP E 62 -20.04 6.79 19.51
CA TRP E 62 -20.03 5.94 20.70
C TRP E 62 -19.49 6.76 21.86
N SER E 63 -19.50 6.17 23.05
CA SER E 63 -19.02 6.87 24.23
C SER E 63 -17.86 6.12 24.87
N ASP E 64 -16.89 6.88 25.36
CA ASP E 64 -15.71 6.36 26.04
C ASP E 64 -15.44 7.29 27.21
N ARG E 65 -15.90 6.86 28.38
CA ARG E 65 -15.75 7.62 29.62
C ARG E 65 -14.28 7.82 30.01
N THR E 66 -13.41 6.89 29.60
CA THR E 66 -11.98 6.96 29.93
C THR E 66 -11.21 8.05 29.19
N LEU E 67 -11.91 9.08 28.73
CA LEU E 67 -11.26 10.15 27.99
C LEU E 67 -11.81 11.51 28.41
N ALA E 68 -12.83 11.50 29.26
CA ALA E 68 -13.45 12.75 29.70
C ALA E 68 -12.51 13.66 30.49
N TRP E 69 -12.82 14.95 30.49
CA TRP E 69 -12.03 15.95 31.20
C TRP E 69 -12.88 17.18 31.50
N ASP E 70 -12.32 18.07 32.31
CA ASP E 70 -13.00 19.31 32.70
C ASP E 70 -12.84 20.37 31.60
N SER E 71 -13.96 20.92 31.15
CA SER E 71 -13.93 21.95 30.12
C SER E 71 -14.46 23.29 30.63
N SER E 72 -14.50 23.43 31.94
CA SER E 72 -14.97 24.64 32.59
C SER E 72 -14.40 25.86 31.88
N HIS E 73 -13.08 25.97 31.96
CA HIS E 73 -12.36 27.08 31.35
C HIS E 73 -11.40 26.52 30.30
N SER E 74 -11.86 25.47 29.63
CA SER E 74 -11.09 24.81 28.58
C SER E 74 -12.01 24.31 27.46
N PRO E 75 -11.42 23.96 26.30
CA PRO E 75 -12.25 23.46 25.19
C PRO E 75 -12.85 22.11 25.55
N ASP E 76 -14.05 21.84 25.02
CA ASP E 76 -14.75 20.59 25.29
C ASP E 76 -14.75 19.70 24.07
N GLN E 77 -13.82 19.92 23.15
CA GLN E 77 -13.74 19.12 21.93
C GLN E 77 -12.39 19.23 21.26
N VAL E 78 -11.93 18.13 20.68
CA VAL E 78 -10.66 18.16 19.99
C VAL E 78 -10.66 17.13 18.88
N SER E 79 -9.82 17.35 17.89
CA SER E 79 -9.68 16.39 16.79
C SER E 79 -8.51 15.50 17.26
N VAL E 80 -8.70 14.19 17.21
CA VAL E 80 -7.68 13.25 17.66
C VAL E 80 -7.47 12.13 16.64
N PRO E 81 -6.21 11.76 16.39
CA PRO E 81 -5.96 10.68 15.42
C PRO E 81 -6.62 9.40 15.96
N ILE E 82 -7.32 8.67 15.11
CA ILE E 82 -7.99 7.49 15.60
C ILE E 82 -7.05 6.42 16.14
N SER E 83 -5.79 6.52 15.74
CA SER E 83 -4.78 5.58 16.21
C SER E 83 -4.62 5.71 17.74
N SER E 84 -5.09 6.81 18.32
CA SER E 84 -4.98 7.04 19.76
C SER E 84 -6.20 6.58 20.55
N LEU E 85 -7.28 6.28 19.83
CA LEU E 85 -8.51 5.87 20.46
C LEU E 85 -8.85 4.44 20.13
N TRP E 86 -9.81 3.90 20.88
CA TRP E 86 -10.30 2.58 20.62
C TRP E 86 -11.37 2.92 19.60
N VAL E 87 -11.55 2.08 18.61
CA VAL E 87 -12.55 2.36 17.60
C VAL E 87 -13.31 1.08 17.36
N PRO E 88 -14.62 1.19 17.14
CA PRO E 88 -15.40 -0.02 16.88
C PRO E 88 -14.81 -0.75 15.67
N ASP E 89 -14.80 -2.08 15.72
CA ASP E 89 -14.27 -2.91 14.62
C ASP E 89 -15.37 -3.24 13.59
N LEU E 90 -16.01 -2.19 13.09
CA LEU E 90 -17.09 -2.32 12.12
C LEU E 90 -16.60 -2.86 10.79
N ALA E 91 -17.47 -3.60 10.11
CA ALA E 91 -17.15 -4.21 8.82
C ALA E 91 -18.41 -4.51 8.02
N ALA E 92 -18.45 -4.13 6.75
CA ALA E 92 -19.62 -4.42 5.93
C ALA E 92 -19.56 -5.90 5.61
N TYR E 93 -20.63 -6.64 5.88
CA TYR E 93 -20.65 -8.07 5.61
C TYR E 93 -20.58 -8.44 4.13
N ASN E 94 -21.31 -7.71 3.31
CA ASN E 94 -21.34 -7.96 1.87
C ASN E 94 -20.41 -7.04 1.10
N ALA E 95 -19.30 -6.68 1.74
CA ALA E 95 -18.32 -5.83 1.10
C ALA E 95 -17.36 -6.77 0.40
N ILE E 96 -17.08 -6.52 -0.88
CA ILE E 96 -16.18 -7.37 -1.64
C ILE E 96 -14.85 -6.69 -1.94
N SER E 97 -14.58 -5.63 -1.18
CA SER E 97 -13.33 -4.88 -1.30
C SER E 97 -13.12 -4.16 0.03
N LYS E 98 -11.88 -3.98 0.44
CA LYS E 98 -11.63 -3.31 1.71
C LYS E 98 -12.00 -1.83 1.56
N PRO E 99 -12.48 -1.19 2.65
CA PRO E 99 -12.87 0.22 2.62
C PRO E 99 -11.74 1.15 2.27
N GLU E 100 -12.02 2.07 1.36
CA GLU E 100 -11.04 3.04 0.92
C GLU E 100 -11.35 4.36 1.59
N VAL E 101 -10.73 4.59 2.75
CA VAL E 101 -10.94 5.83 3.50
C VAL E 101 -10.34 7.00 2.73
N LEU E 102 -11.22 7.86 2.21
CA LEU E 102 -10.82 9.04 1.42
C LEU E 102 -10.48 10.26 2.28
N THR E 103 -10.82 10.23 3.56
CA THR E 103 -10.54 11.35 4.42
C THR E 103 -9.55 11.14 5.54
N PRO E 104 -9.03 12.25 6.10
CA PRO E 104 -8.07 12.25 7.21
C PRO E 104 -8.65 11.42 8.35
N GLN E 105 -7.88 10.45 8.85
CA GLN E 105 -8.38 9.61 9.90
C GLN E 105 -8.38 10.21 11.31
N LEU E 106 -9.19 11.25 11.46
CA LEU E 106 -9.34 11.95 12.72
C LEU E 106 -10.74 11.75 13.31
N ALA E 107 -10.79 11.66 14.64
CA ALA E 107 -12.02 11.47 15.37
C ALA E 107 -12.26 12.71 16.22
N ARG E 108 -13.51 13.01 16.46
CA ARG E 108 -13.86 14.17 17.24
C ARG E 108 -14.25 13.67 18.62
N VAL E 109 -13.57 14.19 19.63
CA VAL E 109 -13.85 13.79 21.02
C VAL E 109 -14.30 14.98 21.85
N VAL E 110 -15.37 14.79 22.62
CA VAL E 110 -15.92 15.82 23.47
C VAL E 110 -15.43 15.61 24.90
N SER E 111 -15.46 16.66 25.71
CA SER E 111 -15.00 16.57 27.10
C SER E 111 -15.74 15.54 27.94
N ASP E 112 -16.95 15.16 27.52
CA ASP E 112 -17.71 14.17 28.27
C ASP E 112 -17.46 12.73 27.81
N GLY E 113 -16.48 12.53 26.95
CA GLY E 113 -16.18 11.19 26.49
C GLY E 113 -16.91 10.77 25.22
N GLU E 114 -17.70 11.66 24.62
CA GLU E 114 -18.39 11.33 23.40
C GLU E 114 -17.40 11.31 22.26
N VAL E 115 -17.47 10.28 21.43
CA VAL E 115 -16.57 10.18 20.31
C VAL E 115 -17.33 10.10 19.01
N LEU E 116 -16.82 10.80 18.00
CA LEU E 116 -17.47 10.80 16.71
C LEU E 116 -16.44 10.63 15.62
N TYR E 117 -16.69 9.71 14.70
CA TYR E 117 -15.76 9.50 13.60
C TYR E 117 -16.58 9.35 12.35
N MET E 118 -16.41 10.31 11.45
CA MET E 118 -17.16 10.28 10.22
C MET E 118 -16.26 10.29 9.01
N PRO E 119 -15.77 9.11 8.62
CA PRO E 119 -14.89 9.02 7.45
C PRO E 119 -15.63 8.81 6.13
N SER E 120 -15.20 9.51 5.09
CA SER E 120 -15.83 9.28 3.81
C SER E 120 -15.19 7.99 3.37
N ILE E 121 -16.01 7.04 2.94
CA ILE E 121 -15.47 5.77 2.51
C ILE E 121 -15.93 5.38 1.15
N ARG E 122 -15.02 4.82 0.36
CA ARG E 122 -15.39 4.35 -0.95
C ARG E 122 -15.21 2.84 -0.87
N GLN E 123 -16.27 2.09 -1.14
CA GLN E 123 -16.18 0.63 -1.02
C GLN E 123 -17.07 -0.14 -2.04
N ARG E 124 -16.77 -1.41 -2.27
CA ARG E 124 -17.52 -2.20 -3.24
CA ARG E 124 -17.56 -2.18 -3.23
C ARG E 124 -18.33 -3.33 -2.59
N PHE E 125 -19.63 -3.37 -2.90
CA PHE E 125 -20.54 -4.36 -2.34
C PHE E 125 -21.19 -5.32 -3.34
N SER E 126 -21.57 -6.49 -2.80
CA SER E 126 -22.25 -7.58 -3.52
C SER E 126 -23.67 -7.55 -3.01
N CYS E 127 -24.56 -6.98 -3.80
CA CYS E 127 -25.93 -6.85 -3.40
C CYS E 127 -26.84 -6.85 -4.60
N ASP E 128 -28.14 -6.77 -4.35
CA ASP E 128 -29.14 -6.74 -5.42
C ASP E 128 -29.16 -5.46 -6.26
N VAL E 129 -28.71 -5.58 -7.51
CA VAL E 129 -28.65 -4.47 -8.46
C VAL E 129 -29.76 -4.57 -9.52
N SER E 130 -30.55 -5.64 -9.47
CA SER E 130 -31.61 -5.82 -10.44
C SER E 130 -32.65 -4.70 -10.42
N GLY E 131 -33.03 -4.27 -11.61
CA GLY E 131 -34.00 -3.20 -11.74
C GLY E 131 -33.37 -1.82 -11.65
N VAL E 132 -32.05 -1.74 -11.51
CA VAL E 132 -31.35 -0.46 -11.41
C VAL E 132 -31.79 0.51 -12.51
N ASP E 133 -32.03 -0.05 -13.69
CA ASP E 133 -32.44 0.69 -14.88
C ASP E 133 -33.96 0.70 -15.10
N THR E 134 -34.72 0.54 -14.03
CA THR E 134 -36.18 0.59 -14.14
C THR E 134 -36.65 1.81 -13.35
N GLU E 135 -37.96 2.06 -13.36
CA GLU E 135 -38.53 3.22 -12.68
C GLU E 135 -38.54 3.04 -11.15
N SER E 136 -38.79 1.81 -10.70
CA SER E 136 -38.83 1.52 -9.27
C SER E 136 -37.44 1.35 -8.69
N GLY E 137 -36.46 1.36 -9.60
CA GLY E 137 -35.07 1.22 -9.22
C GLY E 137 -34.72 -0.11 -8.59
N ALA E 138 -33.52 -0.16 -8.03
CA ALA E 138 -33.02 -1.36 -7.37
C ALA E 138 -32.88 -1.09 -5.87
N THR E 139 -32.68 -2.15 -5.10
CA THR E 139 -32.52 -2.04 -3.66
C THR E 139 -31.32 -2.87 -3.19
N CYS E 140 -30.21 -2.17 -3.03
CA CYS E 140 -29.00 -2.81 -2.58
C CYS E 140 -28.95 -2.71 -1.05
N ARG E 141 -28.95 -3.86 -0.38
CA ARG E 141 -28.89 -3.85 1.07
C ARG E 141 -27.45 -3.98 1.54
N ILE E 142 -27.05 -3.13 2.49
CA ILE E 142 -25.70 -3.14 3.04
C ILE E 142 -25.72 -3.41 4.55
N LYS E 143 -25.02 -4.47 4.97
CA LYS E 143 -24.98 -4.87 6.39
C LYS E 143 -23.67 -4.56 7.11
N ILE E 144 -23.76 -3.75 8.17
CA ILE E 144 -22.58 -3.36 8.93
C ILE E 144 -22.70 -3.52 10.45
N GLY E 145 -21.66 -4.07 11.07
CA GLY E 145 -21.65 -4.26 12.51
C GLY E 145 -20.29 -4.71 13.04
N SER E 146 -20.19 -4.97 14.34
CA SER E 146 -18.91 -5.42 14.87
C SER E 146 -18.51 -6.71 14.17
N TRP E 147 -17.21 -6.96 14.08
CA TRP E 147 -16.75 -8.17 13.44
C TRP E 147 -16.42 -9.23 14.48
N THR E 148 -15.77 -8.82 15.58
CA THR E 148 -15.40 -9.75 16.65
C THR E 148 -16.15 -9.57 17.98
N HIS E 149 -16.79 -8.42 18.18
CA HIS E 149 -17.53 -8.25 19.43
C HIS E 149 -19.01 -8.58 19.26
N HIS E 150 -19.54 -9.50 20.07
CA HIS E 150 -20.96 -9.86 19.97
C HIS E 150 -21.87 -8.85 20.68
N SER E 151 -23.17 -9.12 20.62
CA SER E 151 -24.21 -8.27 21.19
C SER E 151 -24.03 -7.81 22.63
N ARG E 152 -23.36 -8.62 23.44
CA ARG E 152 -23.16 -8.28 24.83
C ARG E 152 -21.94 -7.39 25.03
N GLU E 153 -21.17 -7.20 23.96
CA GLU E 153 -19.99 -6.35 24.06
C GLU E 153 -20.20 -5.08 23.28
N ILE E 154 -20.80 -5.19 22.10
CA ILE E 154 -21.08 -4.03 21.28
C ILE E 154 -22.50 -4.11 20.76
N SER E 155 -23.20 -2.98 20.84
CA SER E 155 -24.56 -2.90 20.34
C SER E 155 -24.55 -1.79 19.30
N VAL E 156 -25.08 -2.08 18.12
CA VAL E 156 -25.12 -1.08 17.05
C VAL E 156 -26.54 -0.72 16.69
N ASP E 157 -26.85 0.58 16.73
CA ASP E 157 -28.18 1.02 16.37
C ASP E 157 -28.14 2.26 15.49
N PRO E 158 -28.99 2.30 14.45
CA PRO E 158 -29.03 3.45 13.55
C PRO E 158 -29.70 4.68 14.15
N THR E 159 -28.98 5.78 14.19
CA THR E 159 -29.55 7.01 14.73
C THR E 159 -30.67 7.46 13.79
N THR E 160 -31.90 7.36 14.27
CA THR E 160 -33.06 7.74 13.47
C THR E 160 -33.03 9.23 13.08
N GLU E 161 -31.84 9.80 12.96
CA GLU E 161 -31.70 11.21 12.58
C GLU E 161 -32.31 11.43 11.19
N ASN E 162 -33.62 11.61 11.15
CA ASN E 162 -34.33 11.81 9.89
C ASN E 162 -33.78 13.03 9.13
N SER E 163 -33.62 12.87 7.82
CA SER E 163 -33.13 13.93 6.95
C SER E 163 -33.18 13.43 5.51
N ASP E 164 -32.89 14.32 4.56
CA ASP E 164 -32.92 13.95 3.15
C ASP E 164 -31.87 12.86 2.90
N ASP E 165 -32.31 11.72 2.36
CA ASP E 165 -31.42 10.60 2.08
C ASP E 165 -30.35 10.97 1.06
N SER E 166 -30.68 11.87 0.16
CA SER E 166 -29.73 12.33 -0.84
C SER E 166 -29.37 13.78 -0.54
N GLU E 167 -29.28 14.09 0.74
CA GLU E 167 -28.94 15.44 1.20
C GLU E 167 -27.53 15.82 0.75
N TYR E 168 -26.61 14.87 0.81
CA TYR E 168 -25.24 15.12 0.43
C TYR E 168 -24.87 14.35 -0.85
N PHE E 169 -25.82 13.56 -1.35
CA PHE E 169 -25.58 12.78 -2.55
C PHE E 169 -25.26 13.67 -3.73
N SER E 170 -24.16 13.38 -4.41
CA SER E 170 -23.73 14.16 -5.55
C SER E 170 -24.77 14.21 -6.64
N GLN E 171 -25.05 15.43 -7.09
CA GLN E 171 -26.02 15.64 -8.15
C GLN E 171 -25.43 15.33 -9.52
N TYR E 172 -24.13 15.04 -9.57
CA TYR E 172 -23.52 14.75 -10.84
C TYR E 172 -23.39 13.23 -11.07
N SER E 173 -23.97 12.44 -10.18
CA SER E 173 -23.93 10.99 -10.32
C SER E 173 -24.86 10.56 -11.45
N ARG E 174 -24.56 9.40 -12.05
CA ARG E 174 -25.36 8.86 -13.12
C ARG E 174 -26.66 8.38 -12.53
N PHE E 175 -26.63 8.17 -11.22
CA PHE E 175 -27.82 7.68 -10.56
C PHE E 175 -28.41 8.67 -9.56
N GLU E 176 -29.54 8.26 -8.98
CA GLU E 176 -30.27 9.05 -8.00
C GLU E 176 -30.83 8.14 -6.91
N ILE E 177 -30.97 8.68 -5.70
CA ILE E 177 -31.51 7.89 -4.61
C ILE E 177 -33.03 8.02 -4.58
N LEU E 178 -33.72 6.90 -4.46
CA LEU E 178 -35.18 6.93 -4.40
C LEU E 178 -35.59 6.85 -2.94
N ASP E 179 -34.78 6.17 -2.13
CA ASP E 179 -35.12 6.00 -0.73
C ASP E 179 -34.00 5.30 0.04
N VAL E 180 -33.84 5.67 1.30
CA VAL E 180 -32.86 5.02 2.14
C VAL E 180 -33.50 4.70 3.49
N THR E 181 -33.42 3.43 3.86
CA THR E 181 -33.95 2.98 5.13
C THR E 181 -32.88 2.16 5.82
N GLN E 182 -32.69 2.45 7.11
CA GLN E 182 -31.69 1.82 7.93
C GLN E 182 -32.32 1.11 9.13
N LYS E 183 -32.50 -0.21 9.00
CA LYS E 183 -33.09 -1.03 10.05
C LYS E 183 -32.02 -1.75 10.87
N LYS E 184 -32.32 -1.95 12.16
CA LYS E 184 -31.41 -2.63 13.08
C LYS E 184 -31.72 -4.11 13.03
N ASN E 185 -30.68 -4.91 12.84
CA ASN E 185 -30.86 -6.35 12.73
C ASN E 185 -29.85 -7.11 13.58
N SER E 186 -29.89 -8.44 13.51
CA SER E 186 -29.00 -9.28 14.28
C SER E 186 -28.72 -10.59 13.52
N VAL E 187 -27.54 -11.16 13.74
CA VAL E 187 -27.16 -12.38 13.04
C VAL E 187 -26.43 -13.32 13.96
N THR E 188 -26.81 -14.59 13.94
CA THR E 188 -26.14 -15.59 14.76
C THR E 188 -25.52 -16.61 13.84
N TYR E 189 -24.30 -17.01 14.14
CA TYR E 189 -23.61 -17.98 13.31
C TYR E 189 -23.57 -19.34 13.99
N SER E 190 -23.67 -20.38 13.16
CA SER E 190 -23.65 -21.75 13.64
C SER E 190 -22.29 -22.14 14.22
N CYS E 191 -21.76 -21.28 15.08
CA CYS E 191 -20.47 -21.53 15.74
C CYS E 191 -20.63 -21.34 17.21
N CYS E 192 -21.30 -20.26 17.52
CA CYS E 192 -21.47 -19.84 18.87
C CYS E 192 -22.87 -19.30 19.10
N PRO E 193 -23.33 -19.27 20.36
CA PRO E 193 -24.67 -18.79 20.72
C PRO E 193 -24.77 -17.27 20.67
N GLU E 194 -23.64 -16.60 20.90
CA GLU E 194 -23.55 -15.14 20.91
C GLU E 194 -23.97 -14.53 19.57
N ALA E 195 -24.95 -13.64 19.61
CA ALA E 195 -25.42 -13.00 18.41
C ALA E 195 -24.61 -11.73 18.16
N TYR E 196 -24.57 -11.33 16.89
CA TYR E 196 -23.83 -10.14 16.50
C TYR E 196 -24.75 -9.06 15.94
N GLU E 197 -24.82 -7.92 16.60
CA GLU E 197 -25.67 -6.84 16.11
C GLU E 197 -25.09 -6.18 14.85
N ASP E 198 -25.99 -5.74 13.97
CA ASP E 198 -25.60 -5.05 12.74
C ASP E 198 -26.71 -4.14 12.27
N VAL E 199 -26.36 -3.16 11.45
CA VAL E 199 -27.36 -2.26 10.91
C VAL E 199 -27.47 -2.67 9.43
N GLU E 200 -28.69 -2.65 8.90
CA GLU E 200 -28.94 -2.99 7.50
C GLU E 200 -29.40 -1.73 6.83
N VAL E 201 -28.60 -1.26 5.89
CA VAL E 201 -28.90 -0.04 5.16
C VAL E 201 -29.31 -0.40 3.75
N SER E 202 -30.60 -0.24 3.48
CA SER E 202 -31.14 -0.55 2.18
C SER E 202 -31.17 0.72 1.34
N LEU E 203 -30.46 0.68 0.23
CA LEU E 203 -30.36 1.82 -0.65
C LEU E 203 -31.10 1.62 -1.95
N ASN E 204 -32.26 2.25 -2.07
CA ASN E 204 -33.05 2.14 -3.28
C ASN E 204 -32.61 3.22 -4.25
N PHE E 205 -32.05 2.81 -5.38
CA PHE E 205 -31.60 3.79 -6.38
C PHE E 205 -31.90 3.30 -7.80
N ARG E 206 -31.77 4.20 -8.75
CA ARG E 206 -32.01 3.85 -10.13
C ARG E 206 -31.14 4.74 -11.01
N LYS E 207 -31.09 4.45 -12.31
CA LYS E 207 -30.32 5.26 -13.23
C LYS E 207 -31.24 6.40 -13.63
N LYS E 208 -30.68 7.60 -13.79
CA LYS E 208 -31.47 8.76 -14.17
C LYS E 208 -32.02 8.64 -15.60
N GLY E 209 -32.28 9.76 -16.24
CA GLY E 209 -32.81 9.75 -17.59
C GLY E 209 -33.63 11.00 -17.82
N ARG E 210 -34.28 11.12 -18.98
CA ARG E 210 -35.12 12.31 -19.27
C ARG E 210 -36.55 11.89 -19.60
N SER E 211 -37.52 12.57 -19.00
CA SER E 211 -38.94 12.29 -19.23
C SER E 211 -39.39 12.78 -20.60
C5 TH4 F . -16.15 -13.99 15.76
C6 TH4 F . -14.82 -14.13 16.18
C1 TH4 F . -13.78 -13.74 15.31
CL7 TH4 F . -12.10 -13.92 15.84
N2 TH4 F . -14.08 -13.21 14.07
C3 TH4 F . -15.36 -13.07 13.64
C4 TH4 F . -16.44 -13.45 14.50
C8 TH4 F . -17.89 -13.31 14.09
N9 TH4 F . -18.23 -13.81 12.77
C13 TH4 F . -18.35 -12.83 11.70
C12 TH4 F . -18.71 -13.58 10.43
S11 TH4 F . -18.81 -15.29 10.84
C10 TH4 F . -18.45 -15.12 12.47
N14 TH4 F . -18.39 -16.10 13.32
C15 TH4 F . -18.59 -17.28 13.06
N16 TH4 F . -18.81 -18.41 12.83
C5 TH4 G . 10.37 -24.33 3.49
C6 TH4 G . 11.25 -23.31 3.92
C1 TH4 G . 10.96 -21.97 3.60
CL7 TH4 G . 12.03 -20.67 4.14
N2 TH4 G . 9.83 -21.67 2.86
C3 TH4 G . 8.97 -22.63 2.43
C4 TH4 G . 9.22 -24.00 2.74
C8 TH4 G . 8.28 -25.10 2.29
N9 TH4 G . 7.91 -25.07 0.87
C13 TH4 G . 6.63 -24.44 0.52
C12 TH4 G . 6.48 -24.54 -1.00
S11 TH4 G . 7.91 -25.35 -1.61
C10 TH4 G . 8.67 -25.58 -0.13
N14 TH4 G . 9.81 -26.16 0.04
C15 TH4 G . 10.51 -26.63 -0.87
N16 TH4 G . 11.17 -27.10 -1.70
C5 TH4 H . 25.30 0.24 -7.54
C6 TH4 H . 25.03 1.18 -6.53
C1 TH4 H . 23.70 1.41 -6.12
CL7 TH4 H . 23.39 2.59 -4.85
N2 TH4 H . 22.68 0.71 -6.72
C3 TH4 H . 22.90 -0.21 -7.71
C4 TH4 H . 24.24 -0.47 -8.15
C8 TH4 H . 24.56 -1.51 -9.23
N9 TH4 H . 23.82 -1.36 -10.48
C13 TH4 H . 22.73 -2.31 -10.70
C12 TH4 H . 22.11 -1.98 -12.05
S11 TH4 H . 23.02 -0.63 -12.71
C10 TH4 H . 24.09 -0.45 -11.44
N14 TH4 H . 25.04 0.44 -11.37
C15 TH4 H . 25.30 1.29 -12.24
N16 TH4 H . 25.57 2.11 -13.04
C5 TH4 I . 8.03 25.40 -2.34
C6 TH4 I . 7.63 25.13 -1.01
C1 TH4 I . 7.17 23.86 -0.67
CL7 TH4 I . 6.66 23.50 0.98
N2 TH4 I . 7.12 22.86 -1.62
C3 TH4 I . 7.48 23.08 -2.91
C4 TH4 I . 7.96 24.36 -3.31
C8 TH4 I . 8.38 24.63 -4.74
N9 TH4 I . 7.26 24.54 -5.69
C13 TH4 I . 7.07 23.28 -6.40
C12 TH4 I . 5.85 23.43 -7.32
S11 TH4 I . 5.25 25.06 -7.08
C10 TH4 I . 6.38 25.55 -5.95
N14 TH4 I . 6.42 26.72 -5.40
C15 TH4 I . 5.63 27.63 -5.64
N16 TH4 I . 4.86 28.48 -5.87
C5 TH4 J . -17.25 16.23 12.02
C6 TH4 J . -16.62 15.32 12.92
C1 TH4 J . -15.86 14.28 12.40
CL7 TH4 J . -15.08 13.16 13.52
N2 TH4 J . -15.71 14.13 11.02
C3 TH4 J . -16.31 14.99 10.13
C4 TH4 J . -17.10 16.07 10.63
C8 TH4 J . -17.77 17.07 9.71
N9 TH4 J . -18.58 16.49 8.65
C13 TH4 J . -17.92 16.32 7.35
C12 TH4 J . -18.95 15.71 6.41
S11 TH4 J . -20.44 15.49 7.32
C10 TH4 J . -19.89 16.10 8.77
N14 TH4 J . -20.59 16.20 9.85
C15 TH4 J . -21.76 15.85 9.95
N16 TH4 J . -22.87 15.49 10.03
#